data_4C7L
#
_entry.id   4C7L
#
_cell.length_a   92.830
_cell.length_b   108.760
_cell.length_c   125.050
_cell.angle_alpha   90.00
_cell.angle_beta   90.00
_cell.angle_gamma   90.00
#
_symmetry.space_group_name_H-M   'P 21 21 21'
#
loop_
_entity.id
_entity.type
_entity.pdbx_description
1 polymer HEMAGGLUTININ-ESTERASE
2 branched beta-D-mannopyranose-(1-4)-2-acetamido-2-deoxy-beta-D-glucopyranose-(1-4)-2-acetamido-2-deoxy-beta-D-glucopyranose
3 branched 2-acetamido-2-deoxy-beta-D-glucopyranose-(1-4)-2-acetamido-2-deoxy-beta-D-glucopyranose
4 branched alpha-D-mannopyranose-(1-3)-beta-D-mannopyranose-(1-4)-2-acetamido-2-deoxy-beta-D-glucopyranose-(1-4)-2-acetamido-2-deoxy-beta-D-glucopyranose
5 branched alpha-D-mannopyranose-(1-3)-[alpha-D-mannopyranose-(1-6)]alpha-D-mannopyranose-(1-6)-[alpha-D-mannopyranose-(1-3)]beta-D-mannopyranose-(1-4)-2-acetamido-2-deoxy-beta-D-glucopyranose-(1-4)-2-acetamido-2-deoxy-beta-D-glucopyranose
6 non-polymer 'POTASSIUM ION'
7 non-polymer 2-acetamido-2-deoxy-beta-D-glucopyranose
8 non-polymer GLYCEROL
9 water water
#
_entity_poly.entity_id   1
_entity_poly.type   'polypeptide(L)'
_entity_poly.pdbx_seq_one_letter_code
;FNEPLNIVSHLNDDWFLFGDARSDCTYVENNGHPKLDWLDLDPKLCNSGRISAKSGNSLFRSFHFIDFYNYSGEGDQVIF
YEGVNFSPSHGFKCLAYGDNKRWMGNKARFYARVYEKMAQYRSLSFVNVSYAYGGNAKPTSICKDKTLTLNNPTFISKES
NYVDYYYESEANFTLQGCDEFIVPLCVFNGHSKGSSSDPANKYYTDSQSYYNMDTGVLYGFNSTLDVGNTVQNPGLDLTC
RYLALTPGNYKAVSLEYLLSLPSKAICLRKPKSFMPVQVVDSRWNSTRQSDNMTAVACQLPYCFFRNTSADYSGGTHDVH
HGDFHFRQLLSGLLYNVSCIAQQGAFVYNNVSSSWPAYGYGHCPTAANIGYMAPVCIYDSDPLVPR
;
_entity_poly.pdbx_strand_id   A,B
#
loop_
_chem_comp.id
_chem_comp.type
_chem_comp.name
_chem_comp.formula
BMA D-saccharide, beta linking beta-D-mannopyranose 'C6 H12 O6'
GOL non-polymer GLYCEROL 'C3 H8 O3'
K non-polymer 'POTASSIUM ION' 'K 1'
MAN D-saccharide, alpha linking alpha-D-mannopyranose 'C6 H12 O6'
NAG D-saccharide, beta linking 2-acetamido-2-deoxy-beta-D-glucopyranose 'C8 H15 N O6'
#
# COMPACT_ATOMS: atom_id res chain seq x y z
N PHE A 1 32.57 18.65 7.06
CA PHE A 1 31.69 19.69 6.51
C PHE A 1 30.33 19.08 6.13
N ASN A 2 29.25 19.82 6.42
CA ASN A 2 27.88 19.46 5.97
C ASN A 2 27.43 18.08 6.47
N GLU A 3 27.67 17.82 7.76
CA GLU A 3 27.17 16.61 8.43
C GLU A 3 25.63 16.68 8.50
N PRO A 4 24.95 15.54 8.39
CA PRO A 4 23.50 15.57 8.51
C PRO A 4 23.07 15.95 9.93
N LEU A 5 22.07 16.83 10.03
CA LEU A 5 21.56 17.30 11.31
C LEU A 5 20.33 16.49 11.71
N ASN A 6 20.27 16.10 12.98
CA ASN A 6 19.16 15.31 13.49
C ASN A 6 17.93 16.19 13.82
N ILE A 7 17.33 16.80 12.81
CA ILE A 7 16.22 17.76 12.98
C ILE A 7 15.16 17.59 11.90
N VAL A 8 13.96 18.07 12.20
CA VAL A 8 12.96 18.25 11.17
C VAL A 8 13.18 19.59 10.48
N SER A 9 12.95 19.62 9.16
CA SER A 9 13.16 20.85 8.41
C SER A 9 12.29 20.90 7.18
N HIS A 10 12.57 21.86 6.31
CA HIS A 10 11.83 21.98 5.05
C HIS A 10 12.74 22.41 3.92
N LEU A 11 12.40 21.99 2.71
CA LEU A 11 13.16 22.31 1.50
C LEU A 11 12.80 23.69 0.96
N ASN A 12 11.56 24.11 1.15
CA ASN A 12 11.11 25.43 0.71
C ASN A 12 10.02 25.89 1.69
N ASP A 13 9.23 26.89 1.35
CA ASP A 13 8.17 27.40 2.26
C ASP A 13 6.88 26.58 2.25
N ASP A 14 6.81 25.56 1.39
CA ASP A 14 5.59 24.76 1.26
C ASP A 14 5.62 23.60 2.28
N TRP A 15 5.47 23.92 3.55
CA TRP A 15 5.49 22.91 4.62
C TRP A 15 4.34 23.17 5.58
N PHE A 16 4.01 22.15 6.38
CA PHE A 16 2.97 22.26 7.40
C PHE A 16 3.28 21.39 8.60
N LEU A 17 3.00 21.91 9.79
CA LEU A 17 3.31 21.24 11.05
C LEU A 17 2.04 21.00 11.88
N PHE A 18 1.82 19.73 12.25
CA PHE A 18 0.77 19.31 13.17
C PHE A 18 1.40 19.01 14.52
N GLY A 19 0.80 19.50 15.59
CA GLY A 19 1.45 19.41 16.90
C GLY A 19 0.50 19.27 18.08
N ASP A 20 1.06 18.88 19.22
CA ASP A 20 0.34 18.90 20.50
C ASP A 20 1.00 19.87 21.50
N ALA A 21 1.21 21.10 21.06
CA ALA A 21 1.78 22.15 21.91
C ALA A 21 1.10 23.48 21.62
N ARG A 22 1.47 24.51 22.38
CA ARG A 22 0.85 25.83 22.23
C ARG A 22 1.70 26.67 21.27
N SER A 23 1.07 27.12 20.18
CA SER A 23 1.76 27.87 19.12
C SER A 23 1.47 29.37 19.14
N ASP A 24 0.65 29.82 20.10
CA ASP A 24 0.21 31.22 20.14
C ASP A 24 1.27 32.19 20.68
N CYS A 25 1.13 33.47 20.31
CA CYS A 25 2.03 34.54 20.78
C CYS A 25 1.53 35.10 22.11
N THR A 26 2.46 35.37 23.02
CA THR A 26 2.17 35.93 24.33
C THR A 26 2.51 37.43 24.39
N TYR A 27 1.60 38.27 23.92
CA TYR A 27 1.77 39.73 23.98
C TYR A 27 0.44 40.46 23.80
N LEU A 36 11.68 48.47 21.97
CA LEU A 36 12.83 47.57 21.97
C LEU A 36 12.33 46.17 21.60
N ASP A 37 12.42 45.87 20.30
CA ASP A 37 11.88 44.64 19.70
C ASP A 37 12.45 43.34 20.30
N TRP A 38 13.67 43.40 20.83
CA TRP A 38 14.30 42.21 21.39
C TRP A 38 13.73 41.75 22.73
N LEU A 39 12.82 42.53 23.32
CA LEU A 39 12.12 42.11 24.54
C LEU A 39 11.02 41.10 24.19
N ASP A 40 10.57 41.09 22.94
CA ASP A 40 9.59 40.13 22.48
C ASP A 40 10.27 38.77 22.27
N LEU A 41 10.05 37.87 23.23
CA LEU A 41 10.67 36.53 23.19
C LEU A 41 9.81 35.49 22.45
N ASP A 42 8.68 35.88 21.85
CA ASP A 42 7.89 34.94 21.05
C ASP A 42 8.69 34.50 19.81
N PRO A 43 8.62 33.21 19.44
CA PRO A 43 9.17 32.81 18.15
C PRO A 43 8.45 33.49 16.97
N LYS A 44 9.21 33.87 15.95
CA LYS A 44 8.64 34.47 14.75
C LYS A 44 7.43 33.70 14.21
N LEU A 45 7.50 32.37 14.22
CA LEU A 45 6.43 31.54 13.64
C LEU A 45 5.24 31.33 14.58
N CYS A 46 5.21 31.99 15.74
CA CYS A 46 4.00 31.98 16.58
C CYS A 46 2.84 32.55 15.77
N ASN A 47 1.68 31.90 15.88
CA ASN A 47 0.49 32.22 15.09
C ASN A 47 0.68 32.00 13.59
N SER A 48 1.65 31.17 13.20
CA SER A 48 1.89 30.93 11.79
C SER A 48 0.74 30.14 11.16
N GLY A 49 0.40 30.53 9.93
CA GLY A 49 -0.56 29.81 9.10
C GLY A 49 -0.12 28.40 8.69
N ARG A 50 1.12 28.04 8.96
CA ARG A 50 1.63 26.69 8.64
C ARG A 50 1.62 25.72 9.82
N ILE A 51 0.96 26.09 10.91
CA ILE A 51 0.92 25.24 12.10
C ILE A 51 -0.52 25.01 12.54
N SER A 52 -0.85 23.76 12.87
CA SER A 52 -2.12 23.42 13.52
C SER A 52 -1.74 22.62 14.75
N ALA A 53 -1.92 23.22 15.92
CA ALA A 53 -1.45 22.61 17.16
C ALA A 53 -2.30 23.04 18.34
N LYS A 54 -2.45 22.14 19.31
CA LYS A 54 -3.28 22.37 20.47
C LYS A 54 -2.70 21.60 21.65
N SER A 55 -2.38 22.30 22.73
CA SER A 55 -1.80 21.67 23.91
C SER A 55 -2.78 20.67 24.55
N GLY A 56 -2.28 19.47 24.85
CA GLY A 56 -3.09 18.42 25.42
C GLY A 56 -4.04 17.74 24.44
N ASN A 57 -3.83 17.93 23.14
CA ASN A 57 -4.64 17.22 22.15
C ASN A 57 -3.69 16.60 21.14
N SER A 58 -4.21 15.75 20.27
CA SER A 58 -3.46 15.11 19.20
C SER A 58 -4.42 14.67 18.12
N LEU A 59 -3.88 14.30 16.98
CA LEU A 59 -4.68 13.80 15.90
C LEU A 59 -5.45 12.54 16.31
N PHE A 60 -4.79 11.66 17.05
CA PHE A 60 -5.40 10.45 17.56
C PHE A 60 -6.51 10.76 18.57
N ARG A 61 -6.23 11.65 19.50
CA ARG A 61 -7.23 12.03 20.51
C ARG A 61 -8.50 12.56 19.86
N SER A 62 -8.33 13.49 18.92
CA SER A 62 -9.44 14.12 18.21
C SER A 62 -10.16 13.15 17.25
N PHE A 63 -9.44 12.20 16.70
CA PHE A 63 -10.05 11.16 15.87
C PHE A 63 -11.05 10.31 16.63
N HIS A 64 -10.68 9.94 17.86
CA HIS A 64 -11.44 8.94 18.63
C HIS A 64 -12.35 9.47 19.74
N PHE A 65 -12.07 10.65 20.27
CA PHE A 65 -12.68 11.08 21.53
C PHE A 65 -13.44 12.39 21.41
N ILE A 66 -14.19 12.70 22.46
CA ILE A 66 -15.10 13.84 22.49
C ILE A 66 -14.38 15.18 22.63
N ASP A 67 -13.21 15.22 23.30
CA ASP A 67 -12.47 16.49 23.36
C ASP A 67 -11.71 16.65 22.05
N PHE A 68 -12.38 17.33 21.13
CA PHE A 68 -12.02 17.44 19.74
C PHE A 68 -11.40 18.81 19.44
N TYR A 69 -10.29 18.78 18.71
CA TYR A 69 -9.71 19.98 18.13
C TYR A 69 -9.75 19.84 16.60
N ASN A 70 -10.07 20.93 15.92
CA ASN A 70 -10.33 20.91 14.48
C ASN A 70 -9.05 21.03 13.65
N TYR A 71 -8.14 20.09 13.84
CA TYR A 71 -6.90 20.07 13.09
C TYR A 71 -7.12 20.11 11.59
N SER A 72 -6.42 21.00 10.91
CA SER A 72 -6.36 20.98 9.45
C SER A 72 -5.18 21.77 8.94
N GLY A 73 -4.76 21.44 7.73
CA GLY A 73 -3.58 22.07 7.16
C GLY A 73 -3.17 21.43 5.85
N GLU A 74 -2.36 22.16 5.11
CA GLU A 74 -1.94 21.76 3.77
C GLU A 74 -0.48 22.15 3.56
N GLY A 75 0.32 21.21 3.05
CA GLY A 75 1.70 21.47 2.65
C GLY A 75 2.36 20.30 1.91
N ASP A 76 3.44 20.57 1.19
CA ASP A 76 4.18 19.52 0.50
C ASP A 76 4.96 18.67 1.52
N GLN A 77 5.78 19.34 2.33
CA GLN A 77 6.54 18.71 3.41
C GLN A 77 5.77 18.82 4.72
N VAL A 78 5.23 17.67 5.18
CA VAL A 78 4.38 17.64 6.36
C VAL A 78 5.19 17.11 7.54
N ILE A 79 5.01 17.76 8.69
CA ILE A 79 5.79 17.51 9.88
C ILE A 79 4.81 17.27 11.04
N PHE A 80 5.15 16.29 11.89
CA PHE A 80 4.40 16.00 13.12
C PHE A 80 5.29 16.15 14.36
N TYR A 81 4.81 16.93 15.33
CA TYR A 81 5.48 17.08 16.60
C TYR A 81 4.68 16.35 17.65
N GLU A 82 5.28 15.32 18.24
CA GLU A 82 4.56 14.47 19.15
C GLU A 82 5.13 14.76 20.52
N GLY A 83 4.25 15.21 21.42
CA GLY A 83 4.68 15.87 22.65
C GLY A 83 5.16 14.99 23.79
N GLY A 91 -2.88 5.44 30.89
CA GLY A 91 -3.30 5.23 29.51
C GLY A 91 -4.75 4.80 29.45
N PHE A 92 -5.37 5.06 28.31
CA PHE A 92 -6.79 4.82 28.14
C PHE A 92 -7.15 3.32 28.05
N LYS A 93 -8.36 3.02 28.51
CA LYS A 93 -9.01 1.73 28.25
C LYS A 93 -10.53 1.91 28.29
N CYS A 94 -11.25 1.13 27.47
CA CYS A 94 -12.73 1.26 27.38
C CYS A 94 -13.49 0.81 28.61
N LEU A 95 -12.90 -0.12 29.38
CA LEU A 95 -13.60 -0.83 30.43
C LEU A 95 -12.74 -0.92 31.70
N ALA A 96 -13.39 -1.01 32.86
CA ALA A 96 -12.71 -1.06 34.15
C ALA A 96 -11.59 -2.10 34.18
N TYR A 97 -11.83 -3.26 33.59
CA TYR A 97 -10.81 -4.31 33.51
C TYR A 97 -10.38 -4.59 32.07
N GLY A 98 -10.25 -3.51 31.29
CA GLY A 98 -9.77 -3.57 29.92
C GLY A 98 -8.26 -3.71 29.86
N ASP A 99 -7.66 -3.17 28.81
CA ASP A 99 -6.23 -3.36 28.57
C ASP A 99 -5.66 -2.21 27.73
N ASN A 100 -4.83 -1.36 28.34
CA ASN A 100 -4.25 -0.21 27.62
C ASN A 100 -3.34 -0.64 26.48
N LYS A 101 -2.82 -1.87 26.53
CA LYS A 101 -2.00 -2.37 25.45
C LYS A 101 -2.76 -2.37 24.13
N ARG A 102 -4.07 -2.63 24.16
CA ARG A 102 -4.87 -2.58 22.93
C ARG A 102 -4.89 -1.15 22.35
N TRP A 103 -4.90 -0.16 23.23
CA TRP A 103 -4.88 1.26 22.83
C TRP A 103 -3.51 1.73 22.32
N MET A 104 -2.43 1.19 22.87
N MET A 104 -2.43 1.20 22.86
CA MET A 104 -1.08 1.44 22.31
CA MET A 104 -1.09 1.46 22.30
C MET A 104 -1.00 0.92 20.87
C MET A 104 -1.00 0.91 20.86
N GLY A 105 -1.55 -0.28 20.66
CA GLY A 105 -1.63 -0.89 19.33
C GLY A 105 -2.52 -0.10 18.36
N ASN A 106 -3.67 0.34 18.85
CA ASN A 106 -4.54 1.23 18.07
C ASN A 106 -3.80 2.50 17.62
N LYS A 107 -3.09 3.13 18.56
CA LYS A 107 -2.33 4.34 18.26
C LYS A 107 -1.24 4.12 17.20
N ALA A 108 -0.47 3.04 17.33
CA ALA A 108 0.58 2.68 16.34
C ALA A 108 0.00 2.49 14.92
N ARG A 109 -1.13 1.79 14.84
CA ARG A 109 -1.80 1.53 13.54
C ARG A 109 -2.43 2.78 12.92
N PHE A 110 -3.00 3.65 13.77
CA PHE A 110 -3.55 4.92 13.32
C PHE A 110 -2.46 5.78 12.70
N TYR A 111 -1.37 5.97 13.45
CA TYR A 111 -0.31 6.82 12.97
C TYR A 111 0.42 6.23 11.76
N ALA A 112 0.58 4.92 11.68
CA ALA A 112 1.19 4.32 10.48
C ALA A 112 0.41 4.70 9.22
N ARG A 113 -0.92 4.66 9.31
N ARG A 113 -0.92 4.66 9.31
CA ARG A 113 -1.80 4.99 8.19
CA ARG A 113 -1.81 4.98 8.21
C ARG A 113 -1.76 6.48 7.87
C ARG A 113 -1.76 6.47 7.87
N VAL A 114 -1.82 7.31 8.91
CA VAL A 114 -1.77 8.74 8.72
C VAL A 114 -0.41 9.19 8.12
N TYR A 115 0.68 8.73 8.72
CA TYR A 115 2.02 9.09 8.21
C TYR A 115 2.20 8.61 6.77
N GLU A 116 1.80 7.39 6.47
CA GLU A 116 1.98 6.88 5.11
C GLU A 116 1.17 7.70 4.08
N LYS A 117 -0.08 7.99 4.41
CA LYS A 117 -0.93 8.70 3.48
C LYS A 117 -0.56 10.20 3.34
N MET A 118 -0.03 10.81 4.39
CA MET A 118 0.42 12.20 4.30
C MET A 118 1.76 12.36 3.57
N ALA A 119 2.37 11.26 3.13
CA ALA A 119 3.46 11.31 2.16
C ALA A 119 2.91 11.50 0.75
N GLN A 120 1.60 11.28 0.58
CA GLN A 120 0.95 11.26 -0.74
C GLN A 120 -0.05 12.42 -1.00
N TYR A 121 -0.47 13.10 0.06
CA TYR A 121 -1.46 14.17 -0.01
C TYR A 121 -0.93 15.44 0.64
N ARG A 122 -1.31 16.60 0.10
CA ARG A 122 -0.98 17.89 0.69
C ARG A 122 -1.84 18.18 1.90
N SER A 123 -3.12 17.82 1.82
CA SER A 123 -4.14 18.31 2.74
C SER A 123 -4.72 17.27 3.72
N LEU A 124 -4.73 17.62 5.00
CA LEU A 124 -5.36 16.81 6.04
C LEU A 124 -6.41 17.65 6.75
N SER A 125 -7.59 17.06 6.93
CA SER A 125 -8.63 17.65 7.76
C SER A 125 -9.52 16.53 8.36
N PHE A 126 -10.48 16.94 9.18
CA PHE A 126 -11.44 16.03 9.78
C PHE A 126 -12.82 16.30 9.20
N VAL A 127 -13.57 15.25 8.91
CA VAL A 127 -15.00 15.39 8.59
C VAL A 127 -15.84 14.54 9.54
N ASN A 128 -17.07 14.99 9.79
CA ASN A 128 -18.08 14.24 10.52
C ASN A 128 -18.84 13.32 9.57
N VAL A 129 -19.06 12.07 9.98
CA VAL A 129 -19.76 11.09 9.17
C VAL A 129 -21.15 10.92 9.76
N SER A 130 -22.17 11.07 8.93
CA SER A 130 -23.55 10.84 9.34
C SER A 130 -24.04 9.51 8.78
N TYR A 131 -25.08 8.99 9.41
CA TYR A 131 -25.55 7.66 9.12
C TYR A 131 -27.07 7.61 9.08
N ALA A 132 -27.59 6.56 8.44
CA ALA A 132 -29.01 6.30 8.39
C ALA A 132 -29.27 4.91 8.97
N TYR A 133 -30.07 4.89 10.04
CA TYR A 133 -30.36 3.68 10.79
C TYR A 133 -31.86 3.55 10.90
N GLY A 134 -32.38 2.35 10.68
CA GLY A 134 -33.82 2.12 10.54
C GLY A 134 -34.60 1.83 11.82
N GLY A 135 -33.90 1.52 12.90
CA GLY A 135 -34.55 1.22 14.18
C GLY A 135 -34.72 2.43 15.09
N ASN A 136 -35.15 2.18 16.33
CA ASN A 136 -35.32 3.24 17.34
C ASN A 136 -34.14 3.43 18.30
N ALA A 137 -33.20 2.48 18.35
CA ALA A 137 -32.06 2.59 19.27
C ALA A 137 -31.13 3.76 18.92
N LYS A 138 -30.41 4.24 19.94
CA LYS A 138 -29.59 5.44 19.84
C LYS A 138 -28.16 5.09 20.25
N PRO A 139 -27.19 6.00 19.99
CA PRO A 139 -25.81 5.73 20.42
C PRO A 139 -25.67 5.53 21.93
N THR A 140 -24.63 4.82 22.34
CA THR A 140 -24.35 4.60 23.76
C THR A 140 -22.84 4.74 23.96
N SER A 141 -22.45 5.48 25.00
CA SER A 141 -21.03 5.69 25.32
C SER A 141 -20.43 4.51 26.09
N ILE A 142 -20.29 3.39 25.41
CA ILE A 142 -19.85 2.15 26.03
C ILE A 142 -18.34 2.12 26.32
N CYS A 143 -17.56 2.90 25.56
CA CYS A 143 -16.10 2.92 25.77
C CYS A 143 -15.67 4.25 26.40
N LYS A 144 -15.28 4.19 27.68
CA LYS A 144 -14.83 5.39 28.41
C LYS A 144 -14.09 5.03 29.70
N ASP A 145 -13.25 5.92 30.17
CA ASP A 145 -12.64 5.77 31.49
C ASP A 145 -12.86 7.07 32.27
N LYS A 146 -12.11 7.28 33.34
CA LYS A 146 -12.36 8.40 34.24
C LYS A 146 -12.09 9.77 33.62
N THR A 147 -11.25 9.84 32.59
CA THR A 147 -10.96 11.15 32.00
C THR A 147 -11.36 11.29 30.53
N LEU A 148 -11.64 10.19 29.82
CA LEU A 148 -11.95 10.28 28.39
C LEU A 148 -13.19 9.49 28.03
N THR A 149 -13.88 9.95 26.99
CA THR A 149 -15.04 9.29 26.44
C THR A 149 -14.83 9.14 24.93
N LEU A 150 -14.82 7.89 24.47
CA LEU A 150 -14.74 7.59 23.07
C LEU A 150 -16.05 7.95 22.36
N ASN A 151 -15.95 8.50 21.15
CA ASN A 151 -17.14 8.71 20.30
C ASN A 151 -16.95 8.33 18.83
N ASN A 152 -15.85 7.67 18.52
CA ASN A 152 -15.56 7.18 17.17
C ASN A 152 -14.79 5.86 17.29
N PRO A 153 -15.39 4.74 16.82
CA PRO A 153 -16.71 4.67 16.20
C PRO A 153 -17.87 4.92 17.17
N THR A 154 -19.03 5.16 16.59
CA THR A 154 -20.30 5.18 17.29
C THR A 154 -20.74 3.75 17.53
N PHE A 155 -21.29 3.47 18.70
CA PHE A 155 -21.93 2.18 19.00
C PHE A 155 -23.42 2.41 19.21
N ILE A 156 -24.26 1.68 18.47
CA ILE A 156 -25.71 1.81 18.57
C ILE A 156 -26.30 0.72 19.48
N SER A 157 -27.13 1.14 20.44
CA SER A 157 -27.80 0.24 21.37
C SER A 157 -28.60 -0.89 20.72
N LYS A 158 -28.77 -1.96 21.48
CA LYS A 158 -29.71 -3.01 21.16
C LYS A 158 -31.14 -2.45 21.10
N GLU A 159 -31.91 -2.90 20.12
CA GLU A 159 -33.32 -2.53 20.03
C GLU A 159 -34.09 -3.10 21.23
N SER A 160 -35.10 -2.37 21.68
CA SER A 160 -35.83 -2.73 22.89
C SER A 160 -36.43 -4.15 22.82
N ASN A 161 -36.88 -4.57 21.63
CA ASN A 161 -37.52 -5.87 21.48
C ASN A 161 -36.59 -7.08 21.46
N TYR A 162 -35.28 -6.86 21.34
CA TYR A 162 -34.34 -7.98 21.34
C TYR A 162 -34.02 -8.44 22.77
N VAL A 163 -34.09 -9.75 23.00
CA VAL A 163 -33.83 -10.33 24.32
C VAL A 163 -32.35 -10.59 24.55
N ASP A 164 -31.57 -10.70 23.48
CA ASP A 164 -30.13 -10.93 23.59
C ASP A 164 -29.35 -10.22 22.47
N TYR A 165 -28.03 -10.37 22.50
CA TYR A 165 -27.14 -9.70 21.55
C TYR A 165 -26.70 -10.59 20.38
N TYR A 166 -27.39 -11.70 20.14
CA TYR A 166 -27.14 -12.53 18.96
C TYR A 166 -28.04 -12.07 17.81
N TYR A 167 -27.76 -10.89 17.26
CA TYR A 167 -28.56 -10.35 16.15
C TYR A 167 -27.71 -9.65 15.08
N GLU A 168 -28.22 -9.67 13.85
CA GLU A 168 -27.67 -8.87 12.76
C GLU A 168 -28.24 -7.46 12.85
N SER A 169 -27.42 -6.46 12.58
CA SER A 169 -27.89 -5.08 12.51
C SER A 169 -27.03 -4.29 11.54
N GLU A 170 -27.58 -3.19 11.02
CA GLU A 170 -26.91 -2.43 9.98
C GLU A 170 -27.36 -0.98 9.94
N ALA A 171 -26.52 -0.15 9.34
CA ALA A 171 -26.82 1.25 9.04
C ALA A 171 -26.05 1.67 7.77
N ASN A 172 -26.52 2.71 7.10
CA ASN A 172 -25.85 3.25 5.93
C ASN A 172 -25.02 4.46 6.34
N PHE A 173 -23.92 4.69 5.64
CA PHE A 173 -23.17 5.93 5.78
C PHE A 173 -22.50 6.28 4.46
N THR A 174 -22.31 7.59 4.25
CA THR A 174 -21.75 8.09 3.03
C THR A 174 -20.47 8.86 3.35
N LEU A 175 -19.49 8.72 2.46
CA LEU A 175 -18.21 9.41 2.57
C LEU A 175 -18.06 10.23 1.30
N GLN A 176 -18.01 11.56 1.46
CA GLN A 176 -18.03 12.49 0.33
C GLN A 176 -17.10 13.69 0.55
N GLY A 177 -16.51 14.22 -0.52
CA GLY A 177 -15.74 15.47 -0.46
C GLY A 177 -14.23 15.34 -0.26
N CYS A 178 -13.73 14.10 -0.16
CA CYS A 178 -12.30 13.82 -0.03
C CYS A 178 -11.84 12.75 -1.04
N ASP A 179 -10.52 12.70 -1.32
CA ASP A 179 -9.98 11.69 -2.24
C ASP A 179 -9.95 10.32 -1.56
N GLU A 180 -9.54 10.31 -0.29
CA GLU A 180 -9.56 9.12 0.55
C GLU A 180 -9.94 9.50 1.98
N PHE A 181 -10.43 8.53 2.73
CA PHE A 181 -10.91 8.74 4.11
C PHE A 181 -10.31 7.69 5.01
N ILE A 182 -9.72 8.10 6.13
CA ILE A 182 -9.29 7.13 7.13
C ILE A 182 -10.40 7.00 8.17
N VAL A 183 -10.89 5.78 8.38
CA VAL A 183 -11.92 5.48 9.37
C VAL A 183 -11.51 4.26 10.19
N PRO A 184 -12.03 4.12 11.43
CA PRO A 184 -11.74 2.92 12.21
C PRO A 184 -12.80 1.83 12.02
N LEU A 185 -12.34 0.60 11.90
CA LEU A 185 -13.18 -0.57 11.95
C LEU A 185 -12.70 -1.35 13.17
N CYS A 186 -13.58 -1.50 14.16
CA CYS A 186 -13.22 -2.03 15.47
C CYS A 186 -14.20 -3.09 15.97
N VAL A 187 -13.69 -3.95 16.85
CA VAL A 187 -14.50 -4.89 17.63
C VAL A 187 -13.96 -4.95 19.05
N PHE A 188 -14.87 -5.17 20.01
CA PHE A 188 -14.45 -5.60 21.34
C PHE A 188 -13.87 -6.98 21.19
N ASN A 189 -12.60 -7.15 21.57
CA ASN A 189 -11.90 -8.39 21.29
C ASN A 189 -11.78 -9.22 22.57
N GLY A 190 -12.63 -10.23 22.66
CA GLY A 190 -12.76 -11.04 23.87
C GLY A 190 -14.18 -11.56 24.02
N HIS A 191 -14.49 -12.05 25.22
CA HIS A 191 -15.83 -12.51 25.58
C HIS A 191 -16.69 -11.33 26.06
N SER A 192 -17.40 -10.69 25.15
CA SER A 192 -18.26 -9.54 25.49
C SER A 192 -19.50 -9.99 26.23
N LYS A 193 -19.97 -9.15 27.15
CA LYS A 193 -21.13 -9.45 28.00
C LYS A 193 -22.29 -8.49 27.74
N GLY A 194 -23.51 -9.02 27.85
CA GLY A 194 -24.72 -8.27 27.55
C GLY A 194 -25.23 -7.42 28.69
N SER A 195 -25.97 -8.04 29.61
CA SER A 195 -26.69 -7.32 30.67
C SER A 195 -26.37 -7.88 32.05
N SER A 196 -26.97 -7.30 33.08
CA SER A 196 -26.75 -7.72 34.47
C SER A 196 -27.13 -9.17 34.72
N SER A 197 -28.41 -9.49 34.53
CA SER A 197 -28.96 -10.78 34.91
C SER A 197 -29.07 -11.76 33.74
N ASP A 198 -27.96 -12.44 33.45
CA ASP A 198 -27.95 -13.56 32.51
C ASP A 198 -26.76 -14.48 32.80
N PRO A 199 -26.77 -15.72 32.28
CA PRO A 199 -25.75 -16.71 32.66
C PRO A 199 -24.32 -16.18 32.56
N ALA A 200 -23.54 -16.40 33.62
CA ALA A 200 -22.14 -15.98 33.67
C ALA A 200 -21.27 -16.66 32.59
N ASN A 201 -21.78 -17.73 32.00
CA ASN A 201 -21.12 -18.41 30.87
C ASN A 201 -21.71 -18.03 29.50
N LYS A 202 -22.57 -17.02 29.48
CA LYS A 202 -23.16 -16.52 28.23
C LYS A 202 -22.44 -15.24 27.81
N TYR A 203 -21.71 -15.33 26.71
CA TYR A 203 -20.93 -14.20 26.18
C TYR A 203 -21.09 -14.07 24.66
N TYR A 204 -20.56 -12.97 24.13
CA TYR A 204 -20.70 -12.65 22.71
C TYR A 204 -19.36 -12.48 22.02
N THR A 205 -19.39 -12.65 20.71
CA THR A 205 -18.22 -12.53 19.85
C THR A 205 -18.53 -11.41 18.88
N ASP A 206 -18.04 -10.22 19.20
CA ASP A 206 -18.28 -9.01 18.43
C ASP A 206 -17.80 -9.23 16.99
N SER A 207 -18.64 -8.86 16.04
CA SER A 207 -18.34 -8.99 14.61
C SER A 207 -18.80 -7.73 13.88
N GLN A 208 -17.92 -7.12 13.09
CA GLN A 208 -18.26 -5.90 12.35
C GLN A 208 -17.66 -5.87 10.95
N SER A 209 -18.39 -5.30 10.02
CA SER A 209 -17.90 -5.15 8.65
C SER A 209 -18.39 -3.86 8.05
N TYR A 210 -17.62 -3.28 7.13
CA TYR A 210 -18.09 -2.18 6.29
C TYR A 210 -18.09 -2.66 4.84
N TYR A 211 -19.17 -2.35 4.11
CA TYR A 211 -19.38 -2.76 2.73
C TYR A 211 -19.54 -1.57 1.83
N ASN A 212 -18.74 -1.53 0.76
CA ASN A 212 -18.85 -0.51 -0.25
C ASN A 212 -19.90 -0.97 -1.27
N MET A 213 -21.02 -0.26 -1.29
CA MET A 213 -22.16 -0.66 -2.13
C MET A 213 -21.90 -0.43 -3.62
N ASP A 214 -21.01 0.49 -3.96
CA ASP A 214 -20.66 0.75 -5.36
C ASP A 214 -19.68 -0.29 -5.95
N THR A 215 -18.74 -0.79 -5.15
CA THR A 215 -17.69 -1.72 -5.64
C THR A 215 -17.83 -3.19 -5.21
N GLY A 216 -18.66 -3.44 -4.20
CA GLY A 216 -18.83 -4.78 -3.67
C GLY A 216 -17.72 -5.27 -2.75
N VAL A 217 -16.80 -4.38 -2.39
CA VAL A 217 -15.74 -4.71 -1.46
C VAL A 217 -16.25 -4.67 -0.02
N LEU A 218 -15.92 -5.72 0.74
CA LEU A 218 -16.27 -5.83 2.16
C LEU A 218 -14.99 -5.97 2.98
N TYR A 219 -14.88 -5.16 4.04
CA TYR A 219 -13.82 -5.26 5.05
C TYR A 219 -14.46 -5.77 6.34
N GLY A 220 -14.03 -6.92 6.84
CA GLY A 220 -14.67 -7.55 8.01
C GLY A 220 -13.68 -7.78 9.15
N PHE A 221 -14.21 -7.90 10.36
CA PHE A 221 -13.40 -8.05 11.58
C PHE A 221 -14.23 -8.82 12.61
N ASN A 222 -13.74 -9.98 13.01
CA ASN A 222 -14.33 -10.77 14.08
C ASN A 222 -13.40 -10.89 15.29
N SER A 223 -14.00 -10.75 16.48
CA SER A 223 -13.32 -11.02 17.75
C SER A 223 -12.81 -12.45 17.80
N THR A 224 -11.64 -12.64 18.40
CA THR A 224 -11.02 -13.96 18.50
C THR A 224 -10.44 -14.30 19.90
N LEU A 225 -10.31 -13.33 20.80
CA LEU A 225 -9.68 -13.58 22.09
C LEU A 225 -10.72 -14.12 23.06
N ASP A 226 -10.25 -14.63 24.21
CA ASP A 226 -11.15 -15.15 25.24
C ASP A 226 -11.11 -14.37 26.57
N VAL A 227 -10.56 -13.16 26.55
CA VAL A 227 -10.44 -12.31 27.73
C VAL A 227 -11.77 -11.64 28.08
N GLY A 228 -11.91 -11.22 29.34
CA GLY A 228 -13.21 -10.75 29.88
C GLY A 228 -13.06 -9.39 30.52
N ASN A 229 -14.03 -9.04 31.36
CA ASN A 229 -14.06 -7.75 32.05
C ASN A 229 -14.27 -7.90 33.55
N THR A 230 -13.45 -8.75 34.17
CA THR A 230 -13.45 -8.94 35.63
C THR A 230 -12.02 -9.03 36.15
N VAL A 231 -11.87 -8.92 37.46
CA VAL A 231 -10.55 -9.01 38.10
C VAL A 231 -9.89 -10.37 37.81
N GLN A 232 -10.70 -11.44 37.78
CA GLN A 232 -10.21 -12.80 37.50
C GLN A 232 -9.85 -13.04 36.04
N ASN A 233 -10.60 -12.42 35.13
CA ASN A 233 -10.39 -12.60 33.71
C ASN A 233 -10.47 -11.25 32.99
N PRO A 234 -9.44 -10.42 33.13
CA PRO A 234 -9.46 -9.12 32.47
C PRO A 234 -8.89 -9.19 31.06
N GLY A 235 -8.98 -8.07 30.33
CA GLY A 235 -8.31 -7.92 29.03
C GLY A 235 -9.22 -7.46 27.89
N LEU A 236 -10.53 -7.65 28.03
CA LEU A 236 -11.50 -7.20 27.03
C LEU A 236 -11.38 -5.70 26.76
N ASP A 237 -11.10 -5.36 25.51
CA ASP A 237 -11.02 -3.96 25.10
C ASP A 237 -11.22 -3.83 23.59
N LEU A 238 -11.17 -2.60 23.08
CA LEU A 238 -11.46 -2.33 21.67
C LEU A 238 -10.19 -2.39 20.79
N THR A 239 -10.18 -3.34 19.85
CA THR A 239 -9.10 -3.44 18.85
C THR A 239 -9.58 -2.83 17.53
N CYS A 240 -8.86 -1.84 17.01
CA CYS A 240 -9.25 -1.12 15.80
C CYS A 240 -8.27 -1.28 14.64
N ARG A 241 -8.84 -1.41 13.44
CA ARG A 241 -8.10 -1.31 12.18
C ARG A 241 -8.44 0.05 11.54
N TYR A 242 -7.49 0.59 10.81
CA TYR A 242 -7.66 1.94 10.23
C TYR A 242 -7.63 1.80 8.72
N LEU A 243 -8.81 1.93 8.11
CA LEU A 243 -8.99 1.74 6.69
C LEU A 243 -8.86 3.04 5.94
N ALA A 244 -8.30 2.95 4.72
CA ALA A 244 -8.29 4.05 3.77
C ALA A 244 -9.37 3.78 2.71
N LEU A 245 -10.44 4.53 2.75
CA LEU A 245 -11.61 4.24 1.94
C LEU A 245 -11.80 5.35 0.91
N THR A 246 -12.33 4.98 -0.26
CA THR A 246 -12.64 5.94 -1.31
C THR A 246 -14.02 6.53 -1.05
N PRO A 247 -14.32 7.68 -1.68
CA PRO A 247 -15.66 8.23 -1.52
C PRO A 247 -16.75 7.31 -2.07
N GLY A 248 -17.93 7.36 -1.45
CA GLY A 248 -19.09 6.62 -1.97
C GLY A 248 -20.07 6.23 -0.88
N ASN A 249 -20.93 5.27 -1.21
CA ASN A 249 -21.99 4.79 -0.34
C ASN A 249 -21.62 3.48 0.33
N TYR A 250 -21.72 3.45 1.65
CA TYR A 250 -21.31 2.29 2.45
C TYR A 250 -22.43 1.76 3.34
N LYS A 251 -22.30 0.50 3.73
N LYS A 251 -22.26 0.51 3.74
CA LYS A 251 -23.18 -0.08 4.72
CA LYS A 251 -23.16 -0.15 4.69
C LYS A 251 -22.33 -0.70 5.82
C LYS A 251 -22.29 -0.69 5.82
N ALA A 252 -22.64 -0.37 7.07
CA ALA A 252 -22.02 -1.03 8.23
C ALA A 252 -22.90 -2.20 8.59
N VAL A 253 -22.35 -3.41 8.54
CA VAL A 253 -23.09 -4.62 8.84
C VAL A 253 -22.50 -5.35 10.06
N SER A 254 -23.25 -5.35 11.15
CA SER A 254 -22.87 -6.05 12.37
C SER A 254 -23.51 -7.42 12.41
N LEU A 255 -22.74 -8.47 12.66
CA LEU A 255 -23.30 -9.82 12.72
C LEU A 255 -23.53 -10.32 14.16
N GLU A 256 -23.02 -9.58 15.15
CA GLU A 256 -23.22 -9.92 16.57
C GLU A 256 -22.84 -8.72 17.45
N TYR A 257 -23.45 -8.61 18.63
CA TYR A 257 -23.18 -7.52 19.59
C TYR A 257 -23.59 -6.16 19.00
N LEU A 258 -23.04 -5.06 19.51
CA LEU A 258 -23.49 -3.71 19.13
C LEU A 258 -22.96 -3.29 17.75
N LEU A 259 -23.86 -2.75 16.92
CA LEU A 259 -23.49 -2.12 15.65
C LEU A 259 -22.54 -0.97 15.89
N SER A 260 -21.41 -0.94 15.17
CA SER A 260 -20.48 0.17 15.25
C SER A 260 -20.19 0.70 13.84
N LEU A 261 -19.93 2.00 13.75
CA LEU A 261 -19.68 2.66 12.47
C LEU A 261 -18.98 3.99 12.71
N PRO A 262 -18.32 4.55 11.67
CA PRO A 262 -17.55 5.77 11.91
C PRO A 262 -18.41 7.00 12.14
N SER A 263 -18.00 7.85 13.08
CA SER A 263 -18.61 9.17 13.32
C SER A 263 -17.71 10.30 12.84
N LYS A 264 -16.42 10.01 12.66
CA LYS A 264 -15.41 10.93 12.19
C LYS A 264 -14.45 10.22 11.22
N ALA A 265 -13.92 10.96 10.25
CA ALA A 265 -12.89 10.47 9.32
C ALA A 265 -11.78 11.48 9.13
N ILE A 266 -10.56 11.01 8.89
CA ILE A 266 -9.51 11.87 8.34
C ILE A 266 -9.77 12.03 6.85
N CYS A 267 -9.86 13.28 6.40
CA CYS A 267 -10.10 13.66 5.02
C CYS A 267 -8.75 13.97 4.34
N LEU A 268 -8.45 13.21 3.27
CA LEU A 268 -7.19 13.35 2.50
C LEU A 268 -7.49 13.92 1.10
N ARG A 269 -6.85 15.06 0.81
CA ARG A 269 -7.06 15.75 -0.44
C ARG A 269 -5.74 16.27 -1.04
N LYS A 270 -5.79 16.54 -2.34
CA LYS A 270 -4.71 17.18 -3.10
C LYS A 270 -3.46 16.31 -3.18
N PRO A 271 -3.50 15.28 -4.04
CA PRO A 271 -2.32 14.47 -4.29
C PRO A 271 -1.06 15.27 -4.62
N LYS A 272 0.08 14.75 -4.19
CA LYS A 272 1.38 15.33 -4.51
C LYS A 272 2.34 14.21 -4.85
N SER A 273 3.43 14.54 -5.54
N SER A 273 3.43 14.50 -5.56
CA SER A 273 4.57 13.64 -5.68
CA SER A 273 4.44 13.47 -5.77
C SER A 273 5.00 13.11 -4.31
C SER A 273 5.08 13.11 -4.41
N PHE A 274 5.28 11.82 -4.22
CA PHE A 274 5.62 11.20 -2.95
C PHE A 274 6.71 11.97 -2.22
N MET A 275 6.42 12.38 -0.99
CA MET A 275 7.37 13.13 -0.16
C MET A 275 7.20 12.69 1.31
N PRO A 276 8.19 11.96 1.83
CA PRO A 276 8.05 11.45 3.22
C PRO A 276 7.72 12.54 4.23
N VAL A 277 6.89 12.19 5.20
CA VAL A 277 6.66 13.03 6.35
C VAL A 277 7.84 12.93 7.31
N GLN A 278 7.93 13.90 8.21
CA GLN A 278 8.95 13.93 9.26
C GLN A 278 8.27 13.98 10.62
N VAL A 279 8.76 13.19 11.55
CA VAL A 279 8.23 13.15 12.91
C VAL A 279 9.32 13.39 13.93
N VAL A 280 9.05 14.28 14.89
CA VAL A 280 9.94 14.43 16.05
C VAL A 280 9.15 14.28 17.35
N ASP A 281 9.74 13.63 18.34
CA ASP A 281 9.11 13.46 19.65
C ASP A 281 9.54 14.52 20.65
N SER A 282 8.66 14.73 21.64
CA SER A 282 8.93 15.46 22.90
C SER A 282 8.51 16.90 22.83
N ASP A 291 5.99 5.60 25.85
CA ASP A 291 5.67 4.74 24.71
C ASP A 291 6.31 5.26 23.41
N ASN A 292 6.78 4.33 22.58
CA ASN A 292 7.37 4.68 21.28
C ASN A 292 6.49 4.25 20.09
N MET A 293 5.19 4.50 20.18
CA MET A 293 4.26 4.11 19.12
C MET A 293 4.44 4.96 17.86
N THR A 294 4.66 6.27 18.02
CA THR A 294 4.91 7.15 16.84
C THR A 294 6.19 6.68 16.12
N ALA A 295 7.19 6.25 16.89
CA ALA A 295 8.40 5.63 16.34
C ALA A 295 8.11 4.36 15.54
N VAL A 296 7.39 3.39 16.12
CA VAL A 296 6.98 2.16 15.39
C VAL A 296 6.21 2.46 14.11
N ALA A 297 5.40 3.52 14.14
CA ALA A 297 4.57 3.91 13.03
C ALA A 297 5.37 4.64 11.93
N CYS A 298 6.47 5.28 12.32
CA CYS A 298 7.23 6.11 11.39
C CYS A 298 8.32 5.24 10.75
N GLN A 299 8.08 4.79 9.53
CA GLN A 299 9.00 3.89 8.82
C GLN A 299 9.24 4.37 7.38
N LEU A 300 10.41 4.00 6.84
CA LEU A 300 10.70 4.07 5.42
C LEU A 300 9.69 3.21 4.63
N PRO A 301 9.30 3.68 3.44
CA PRO A 301 9.79 4.87 2.70
C PRO A 301 9.03 6.16 3.03
N TYR A 302 8.02 6.10 3.88
CA TYR A 302 7.05 7.18 3.99
C TYR A 302 7.33 8.18 5.11
N CYS A 303 8.27 7.90 6.00
CA CYS A 303 8.43 8.74 7.17
C CYS A 303 9.87 8.70 7.67
N PHE A 304 10.37 9.86 8.09
CA PHE A 304 11.69 9.98 8.75
C PHE A 304 11.49 10.39 10.20
N PHE A 305 12.02 9.60 11.12
CA PHE A 305 11.87 9.85 12.53
C PHE A 305 13.12 10.57 13.04
N ARG A 306 12.94 11.69 13.74
CA ARG A 306 14.06 12.38 14.39
C ARG A 306 13.94 12.32 15.93
N ASN A 307 15.03 11.98 16.60
CA ASN A 307 15.06 12.02 18.08
C ASN A 307 15.87 13.21 18.61
N THR A 308 15.54 14.43 18.15
CA THR A 308 16.26 15.67 18.49
C THR A 308 16.36 15.95 20.00
N SER A 309 17.50 16.49 20.45
CA SER A 309 17.66 16.99 21.83
C SER A 309 17.84 18.53 21.88
N ALA A 310 17.57 19.11 23.05
CA ALA A 310 17.61 20.56 23.25
C ALA A 310 18.96 21.19 22.85
N PHE A 324 13.26 18.97 24.66
CA PHE A 324 13.16 19.61 23.35
C PHE A 324 11.81 20.30 23.22
N HIS A 325 11.77 21.59 23.57
CA HIS A 325 10.53 22.34 23.61
C HIS A 325 10.06 22.73 22.21
N PHE A 326 8.75 22.97 22.10
CA PHE A 326 8.10 23.40 20.88
C PHE A 326 8.68 24.72 20.35
N ARG A 327 9.01 25.63 21.27
CA ARG A 327 9.57 26.94 20.93
C ARG A 327 10.89 26.86 20.19
N GLN A 328 11.74 25.92 20.59
CA GLN A 328 12.97 25.63 19.85
C GLN A 328 12.69 25.02 18.49
N LEU A 329 11.65 24.21 18.37
CA LEU A 329 11.29 23.67 17.07
C LEU A 329 10.90 24.81 16.12
N LEU A 330 10.06 25.72 16.59
CA LEU A 330 9.63 26.88 15.80
C LEU A 330 10.84 27.68 15.28
N SER A 331 11.80 27.99 16.16
CA SER A 331 13.03 28.68 15.75
C SER A 331 13.81 27.88 14.71
N GLY A 332 13.89 26.57 14.88
CA GLY A 332 14.55 25.70 13.90
C GLY A 332 13.82 25.53 12.55
N LEU A 333 12.60 26.06 12.44
CA LEU A 333 11.83 25.99 11.20
C LEU A 333 11.83 27.32 10.43
N LEU A 334 12.64 28.28 10.84
CA LEU A 334 12.69 29.58 10.14
C LEU A 334 13.41 29.54 8.79
N TYR A 335 14.38 28.63 8.64
CA TYR A 335 15.23 28.60 7.44
C TYR A 335 15.12 27.25 6.72
N ASN A 336 15.34 27.28 5.41
CA ASN A 336 15.37 26.09 4.60
C ASN A 336 16.65 25.30 4.81
N VAL A 337 16.59 24.07 4.32
CA VAL A 337 17.70 23.16 4.25
C VAL A 337 17.75 22.71 2.77
N SER A 338 18.91 22.29 2.27
CA SER A 338 19.01 21.84 0.86
C SER A 338 18.42 20.44 0.63
N CYS A 339 18.57 19.57 1.62
CA CYS A 339 18.27 18.13 1.43
C CYS A 339 17.77 17.52 2.72
N ILE A 340 16.74 16.68 2.60
CA ILE A 340 16.18 15.92 3.72
C ILE A 340 16.30 14.44 3.42
N ALA A 341 17.00 13.70 4.28
CA ALA A 341 17.33 12.30 4.00
C ALA A 341 17.15 11.48 5.26
N GLN A 342 17.40 10.18 5.13
CA GLN A 342 17.26 9.24 6.23
C GLN A 342 18.14 9.63 7.41
N GLN A 343 19.38 10.04 7.15
CA GLN A 343 20.30 10.34 8.25
C GLN A 343 20.00 11.68 8.91
N GLY A 344 19.24 12.53 8.24
CA GLY A 344 18.98 13.87 8.74
C GLY A 344 18.93 14.89 7.64
N ALA A 345 18.99 16.16 8.02
CA ALA A 345 18.90 17.25 7.08
C ALA A 345 20.32 17.69 6.72
N PHE A 346 20.54 17.96 5.43
CA PHE A 346 21.83 18.49 4.96
C PHE A 346 21.63 19.94 4.54
N VAL A 347 22.28 20.85 5.24
CA VAL A 347 22.09 22.27 5.02
C VAL A 347 22.54 22.63 3.59
N TYR A 348 23.68 22.12 3.16
CA TYR A 348 24.25 22.50 1.86
C TYR A 348 24.07 21.42 0.79
N ASN A 349 24.00 21.88 -0.45
CA ASN A 349 23.66 21.04 -1.60
C ASN A 349 24.86 20.47 -2.38
N ASN A 350 26.08 20.76 -1.95
CA ASN A 350 27.24 20.44 -2.79
C ASN A 350 28.03 19.22 -2.34
N VAL A 351 28.77 19.31 -1.22
CA VAL A 351 29.55 18.17 -0.75
C VAL A 351 29.25 17.86 0.72
N SER A 352 29.49 16.61 1.08
CA SER A 352 29.38 16.18 2.46
C SER A 352 30.32 15.01 2.71
N SER A 353 30.52 14.74 3.99
CA SER A 353 31.27 13.58 4.48
C SER A 353 30.43 12.29 4.39
N SER A 354 29.11 12.43 4.32
CA SER A 354 28.17 11.30 4.21
C SER A 354 27.45 11.27 2.88
N TRP A 355 27.18 10.07 2.38
CA TRP A 355 26.30 9.86 1.23
C TRP A 355 24.83 9.92 1.67
N PRO A 356 24.07 10.92 1.22
CA PRO A 356 22.64 10.92 1.57
C PRO A 356 21.91 9.64 1.09
N ALA A 357 21.08 9.08 1.95
CA ALA A 357 20.27 7.91 1.59
C ALA A 357 18.80 8.32 1.69
N TYR A 358 18.00 7.91 0.71
CA TYR A 358 16.59 8.28 0.65
C TYR A 358 16.47 9.81 0.69
N GLY A 359 17.29 10.47 -0.10
CA GLY A 359 17.36 11.93 -0.13
C GLY A 359 16.27 12.59 -0.97
N TYR A 360 15.78 13.73 -0.47
CA TYR A 360 14.80 14.59 -1.15
C TYR A 360 15.34 16.03 -1.21
N GLY A 361 15.14 16.69 -2.33
CA GLY A 361 15.62 18.07 -2.53
C GLY A 361 16.86 18.12 -3.41
N HIS A 362 17.86 18.89 -2.99
CA HIS A 362 19.11 19.04 -3.76
C HIS A 362 20.24 18.51 -2.90
N CYS A 363 20.64 17.28 -3.17
CA CYS A 363 21.44 16.52 -2.24
C CYS A 363 22.94 16.49 -2.61
N PRO A 364 23.81 16.61 -1.60
CA PRO A 364 25.25 16.65 -1.80
C PRO A 364 25.83 15.29 -2.10
N THR A 365 26.98 15.28 -2.77
CA THR A 365 27.75 14.05 -3.02
C THR A 365 28.81 13.94 -1.94
N ALA A 366 29.28 12.73 -1.71
CA ALA A 366 30.41 12.49 -0.81
C ALA A 366 31.61 11.99 -1.60
N ALA A 367 31.58 12.17 -2.91
CA ALA A 367 32.70 11.78 -3.77
C ALA A 367 33.94 12.62 -3.44
N ASN A 368 35.11 12.00 -3.55
CA ASN A 368 36.37 12.70 -3.46
C ASN A 368 36.52 13.57 -4.69
N ILE A 369 36.19 14.86 -4.55
CA ILE A 369 36.26 15.81 -5.66
C ILE A 369 37.64 15.82 -6.34
N ALA A 373 43.47 24.31 -6.57
CA ALA A 373 42.19 24.48 -5.89
C ALA A 373 41.39 25.60 -6.53
N PRO A 374 42.09 26.61 -7.07
CA PRO A 374 41.40 27.69 -7.78
C PRO A 374 40.69 27.17 -9.04
N VAL A 375 39.46 27.65 -9.25
CA VAL A 375 38.69 27.29 -10.43
C VAL A 375 39.40 27.78 -11.70
N CYS A 376 39.46 26.92 -12.71
CA CYS A 376 40.09 27.26 -13.97
C CYS A 376 39.07 27.47 -15.09
N ILE A 377 38.02 26.65 -15.09
CA ILE A 377 37.02 26.67 -16.15
C ILE A 377 35.71 27.29 -15.67
N PHE B 1 28.05 16.26 -18.98
CA PHE B 1 28.71 15.10 -18.33
C PHE B 1 27.73 14.43 -17.36
N ASN B 2 27.69 13.09 -17.40
CA ASN B 2 26.93 12.28 -16.44
C ASN B 2 25.43 12.61 -16.46
N GLU B 3 24.92 12.81 -17.68
CA GLU B 3 23.49 12.89 -17.91
C GLU B 3 22.86 11.55 -17.57
N PRO B 4 21.61 11.57 -17.06
CA PRO B 4 20.93 10.32 -16.76
C PRO B 4 20.66 9.50 -18.01
N LEU B 5 20.88 8.19 -17.93
CA LEU B 5 20.74 7.29 -19.06
C LEU B 5 19.43 6.51 -18.98
N ASN B 6 18.75 6.39 -20.12
CA ASN B 6 17.56 5.56 -20.22
C ASN B 6 17.91 4.07 -20.35
N ILE B 7 18.29 3.46 -19.24
CA ILE B 7 18.64 2.05 -19.18
C ILE B 7 18.09 1.47 -17.89
N VAL B 8 17.99 0.14 -17.85
CA VAL B 8 17.83 -0.58 -16.59
C VAL B 8 19.22 -1.06 -16.19
N SER B 9 19.51 -1.04 -14.90
CA SER B 9 20.85 -1.38 -14.44
C SER B 9 20.85 -1.80 -12.98
N HIS B 10 22.03 -1.77 -12.37
CA HIS B 10 22.20 -2.19 -11.02
C HIS B 10 23.34 -1.42 -10.36
N LEU B 11 23.25 -1.30 -9.04
CA LEU B 11 24.26 -0.63 -8.23
C LEU B 11 25.44 -1.55 -7.96
N ASN B 12 25.17 -2.85 -7.89
CA ASN B 12 26.18 -3.84 -7.58
C ASN B 12 25.72 -5.17 -8.19
N ASP B 13 26.31 -6.30 -7.80
CA ASP B 13 25.93 -7.60 -8.37
C ASP B 13 24.62 -8.17 -7.80
N ASP B 14 24.01 -7.48 -6.84
CA ASP B 14 22.83 -8.00 -6.14
C ASP B 14 21.54 -7.62 -6.86
N TRP B 15 21.37 -8.13 -8.08
CA TRP B 15 20.19 -7.85 -8.91
C TRP B 15 19.55 -9.13 -9.51
N PHE B 16 18.34 -8.99 -10.03
CA PHE B 16 17.67 -10.12 -10.65
C PHE B 16 16.61 -9.63 -11.63
N LEU B 17 16.49 -10.34 -12.76
CA LEU B 17 15.58 -9.95 -13.84
C LEU B 17 14.59 -11.07 -14.09
N PHE B 18 13.31 -10.72 -14.13
CA PHE B 18 12.27 -11.64 -14.58
C PHE B 18 11.87 -11.28 -16.00
N GLY B 19 11.80 -12.29 -16.88
CA GLY B 19 11.54 -12.05 -18.30
C GLY B 19 10.72 -13.08 -19.06
N ASP B 20 10.74 -12.93 -20.38
CA ASP B 20 10.01 -13.82 -21.32
C ASP B 20 11.00 -14.29 -22.41
N ALA B 21 10.51 -14.51 -23.65
CA ALA B 21 11.37 -15.03 -24.74
C ALA B 21 12.60 -14.16 -24.97
N ARG B 22 12.44 -12.85 -24.75
CA ARG B 22 13.43 -11.87 -25.13
C ARG B 22 14.58 -11.78 -24.12
N SER B 23 14.49 -12.59 -23.07
CA SER B 23 15.58 -12.82 -22.13
C SER B 23 15.81 -14.32 -21.86
N ASP B 24 15.15 -15.18 -22.65
CA ASP B 24 15.16 -16.64 -22.41
C ASP B 24 16.30 -17.24 -23.22
N CYS B 25 17.37 -17.61 -22.51
CA CYS B 25 18.63 -17.97 -23.15
C CYS B 25 18.66 -19.39 -23.75
N THR B 26 17.69 -20.22 -23.36
CA THR B 26 17.51 -21.55 -23.96
C THR B 26 16.59 -21.47 -25.17
N LEU B 36 21.59 -16.32 -31.60
CA LEU B 36 20.53 -16.07 -30.63
C LEU B 36 19.71 -14.84 -31.02
N ASP B 37 19.02 -14.94 -32.17
CA ASP B 37 18.26 -13.81 -32.74
C ASP B 37 17.02 -13.41 -31.94
N TRP B 38 16.50 -14.33 -31.12
CA TRP B 38 15.31 -14.06 -30.30
C TRP B 38 15.57 -13.14 -29.08
N LEU B 39 16.84 -12.94 -28.72
CA LEU B 39 17.20 -12.23 -27.48
C LEU B 39 17.34 -10.71 -27.61
N ASP B 40 16.81 -9.99 -26.62
CA ASP B 40 17.18 -8.60 -26.36
C ASP B 40 18.30 -8.52 -25.31
N LEU B 41 18.39 -9.53 -24.45
CA LEU B 41 19.42 -9.60 -23.42
C LEU B 41 20.76 -9.98 -24.03
N ASP B 42 21.83 -9.32 -23.60
CA ASP B 42 23.16 -9.62 -24.09
C ASP B 42 23.50 -11.08 -23.73
N PRO B 43 23.93 -11.88 -24.74
CA PRO B 43 24.28 -13.27 -24.50
C PRO B 43 25.25 -13.48 -23.33
N LYS B 44 26.11 -12.49 -23.07
CA LYS B 44 27.05 -12.54 -21.95
C LYS B 44 26.37 -12.66 -20.58
N LEU B 45 25.10 -12.25 -20.48
CA LEU B 45 24.33 -12.35 -19.23
C LEU B 45 23.56 -13.68 -19.08
N CYS B 46 23.64 -14.55 -20.09
CA CYS B 46 22.97 -15.84 -20.03
C CYS B 46 23.46 -16.73 -18.90
N ASN B 47 24.78 -16.72 -18.66
CA ASN B 47 25.38 -17.52 -17.61
C ASN B 47 25.53 -16.75 -16.27
N SER B 48 24.87 -15.60 -16.16
CA SER B 48 24.95 -14.76 -14.95
C SER B 48 24.29 -15.36 -13.72
N GLY B 49 23.30 -16.24 -13.91
CA GLY B 49 22.54 -16.80 -12.80
C GLY B 49 21.58 -15.78 -12.18
N ARG B 50 21.26 -14.73 -12.91
CA ARG B 50 20.44 -13.64 -12.39
C ARG B 50 19.22 -13.39 -13.26
N ILE B 51 18.77 -14.44 -13.95
CA ILE B 51 17.63 -14.38 -14.87
C ILE B 51 16.69 -15.55 -14.64
N SER B 52 15.39 -15.25 -14.61
CA SER B 52 14.34 -16.27 -14.68
C SER B 52 13.40 -15.78 -15.78
N ALA B 53 13.45 -16.44 -16.93
CA ALA B 53 12.68 -16.05 -18.10
C ALA B 53 12.26 -17.28 -18.91
N LYS B 54 11.02 -17.26 -19.42
CA LYS B 54 10.51 -18.34 -20.28
C LYS B 54 9.77 -17.76 -21.48
N SER B 55 10.19 -18.16 -22.69
CA SER B 55 9.49 -17.72 -23.90
C SER B 55 8.02 -18.13 -23.87
N GLY B 56 7.14 -17.19 -24.24
CA GLY B 56 5.71 -17.43 -24.30
C GLY B 56 5.00 -17.28 -22.96
N ASN B 57 5.72 -16.88 -21.92
CA ASN B 57 5.14 -16.81 -20.60
C ASN B 57 5.28 -15.43 -19.93
N SER B 58 4.69 -15.31 -18.75
CA SER B 58 4.80 -14.10 -17.92
C SER B 58 4.39 -14.46 -16.52
N LEU B 59 4.71 -13.58 -15.58
CA LEU B 59 4.31 -13.80 -14.21
C LEU B 59 2.77 -13.90 -14.11
N PHE B 60 2.04 -13.06 -14.82
CA PHE B 60 0.57 -13.07 -14.76
C PHE B 60 0.01 -14.36 -15.32
N ARG B 61 0.57 -14.80 -16.45
CA ARG B 61 0.15 -16.04 -17.11
C ARG B 61 0.38 -17.25 -16.21
N SER B 62 1.56 -17.34 -15.63
CA SER B 62 1.87 -18.45 -14.73
C SER B 62 1.05 -18.40 -13.45
N PHE B 63 0.74 -17.19 -12.99
CA PHE B 63 -0.07 -17.04 -11.78
C PHE B 63 -1.50 -17.61 -11.94
N HIS B 64 -2.13 -17.34 -13.08
CA HIS B 64 -3.55 -17.68 -13.28
C HIS B 64 -3.84 -18.96 -14.08
N PHE B 65 -2.90 -19.42 -14.89
CA PHE B 65 -3.23 -20.47 -15.88
C PHE B 65 -2.41 -21.76 -15.81
N ILE B 66 -2.87 -22.77 -16.54
CA ILE B 66 -2.24 -24.10 -16.59
C ILE B 66 -0.87 -24.04 -17.31
N ASP B 67 -0.74 -23.14 -18.27
CA ASP B 67 0.53 -22.89 -18.97
C ASP B 67 1.51 -22.23 -18.02
N PHE B 68 2.11 -23.04 -17.14
CA PHE B 68 2.87 -22.58 -15.98
C PHE B 68 4.40 -22.69 -16.17
N TYR B 69 5.12 -21.61 -15.87
CA TYR B 69 6.57 -21.65 -15.70
C TYR B 69 6.92 -21.31 -14.26
N ASN B 70 7.89 -22.03 -13.70
CA ASN B 70 8.25 -21.93 -12.29
C ASN B 70 9.23 -20.79 -12.01
N TYR B 71 8.77 -19.56 -12.24
CA TYR B 71 9.61 -18.39 -12.03
C TYR B 71 10.12 -18.29 -10.58
N SER B 72 11.39 -17.94 -10.42
CA SER B 72 11.92 -17.65 -9.09
C SER B 72 13.25 -16.93 -9.18
N GLY B 73 13.49 -16.06 -8.21
CA GLY B 73 14.74 -15.33 -8.13
C GLY B 73 14.77 -14.40 -6.93
N GLU B 74 15.99 -14.00 -6.57
CA GLU B 74 16.23 -13.19 -5.41
C GLU B 74 17.28 -12.13 -5.75
N GLY B 75 17.03 -10.91 -5.31
CA GLY B 75 17.91 -9.79 -5.56
C GLY B 75 17.48 -8.52 -4.85
N ASP B 76 18.46 -7.66 -4.53
CA ASP B 76 18.15 -6.39 -3.92
C ASP B 76 17.48 -5.48 -4.94
N GLN B 77 18.13 -5.31 -6.11
CA GLN B 77 17.55 -4.52 -7.21
C GLN B 77 16.85 -5.45 -8.20
N VAL B 78 15.53 -5.38 -8.25
CA VAL B 78 14.76 -6.30 -9.09
C VAL B 78 14.31 -5.57 -10.35
N ILE B 79 14.45 -6.26 -11.48
CA ILE B 79 14.07 -5.73 -12.80
C ILE B 79 13.05 -6.67 -13.46
N PHE B 80 12.06 -6.09 -14.13
CA PHE B 80 11.06 -6.85 -14.88
C PHE B 80 11.09 -6.42 -16.35
N TYR B 81 11.09 -7.41 -17.24
CA TYR B 81 10.93 -7.19 -18.68
C TYR B 81 9.97 -8.25 -19.25
N GLU B 82 8.70 -8.15 -18.89
CA GLU B 82 7.69 -9.12 -19.29
C GLU B 82 6.27 -8.61 -19.03
N GLY B 83 5.31 -9.25 -19.68
CA GLY B 83 3.91 -8.88 -19.57
C GLY B 83 3.15 -9.14 -20.86
N VAL B 84 3.84 -8.91 -21.99
CA VAL B 84 3.24 -9.01 -23.32
C VAL B 84 2.50 -10.33 -23.55
N ASN B 85 3.04 -11.44 -23.04
CA ASN B 85 2.41 -12.75 -23.27
C ASN B 85 1.02 -12.90 -22.63
N PHE B 86 0.56 -11.85 -21.94
CA PHE B 86 -0.88 -11.69 -21.70
C PHE B 86 -1.38 -10.28 -22.06
N SER B 87 -1.98 -10.18 -23.25
CA SER B 87 -2.31 -8.92 -23.92
C SER B 87 -3.70 -9.01 -24.56
N PRO B 88 -4.22 -7.89 -25.11
CA PRO B 88 -5.51 -7.95 -25.81
C PRO B 88 -5.48 -8.65 -27.18
N SER B 89 -4.30 -8.85 -27.75
CA SER B 89 -4.16 -9.61 -29.01
C SER B 89 -4.54 -11.08 -28.80
N HIS B 90 -4.11 -11.63 -27.66
CA HIS B 90 -4.60 -12.94 -27.21
C HIS B 90 -6.13 -12.93 -27.02
N GLY B 91 -6.65 -11.84 -26.45
CA GLY B 91 -8.07 -11.67 -26.25
C GLY B 91 -8.65 -12.71 -25.31
N PHE B 92 -7.99 -12.94 -24.17
CA PHE B 92 -8.53 -13.93 -23.22
C PHE B 92 -9.80 -13.44 -22.54
N LYS B 93 -10.77 -14.34 -22.45
CA LYS B 93 -11.99 -14.12 -21.67
C LYS B 93 -12.48 -15.46 -21.11
N CYS B 94 -13.10 -15.44 -19.93
CA CYS B 94 -13.53 -16.69 -19.28
C CYS B 94 -14.65 -17.43 -20.04
N LEU B 95 -15.48 -16.67 -20.75
CA LEU B 95 -16.74 -17.15 -21.33
C LEU B 95 -16.91 -16.61 -22.75
N ALA B 96 -17.77 -17.26 -23.52
CA ALA B 96 -18.03 -16.90 -24.90
C ALA B 96 -18.38 -15.41 -25.06
N TYR B 97 -19.18 -14.88 -24.13
CA TYR B 97 -19.52 -13.47 -24.15
C TYR B 97 -18.88 -12.70 -22.98
N GLY B 98 -17.67 -13.08 -22.62
CA GLY B 98 -16.88 -12.38 -21.61
C GLY B 98 -16.32 -11.04 -22.10
N ASP B 99 -15.28 -10.56 -21.42
CA ASP B 99 -14.75 -9.25 -21.72
C ASP B 99 -13.27 -9.15 -21.37
N ASN B 100 -12.42 -9.05 -22.40
CA ASN B 100 -10.97 -8.96 -22.21
C ASN B 100 -10.56 -7.73 -21.38
N LYS B 101 -11.35 -6.67 -21.47
CA LYS B 101 -11.10 -5.44 -20.71
C LYS B 101 -11.03 -5.71 -19.21
N ARG B 102 -11.87 -6.63 -18.73
CA ARG B 102 -11.80 -7.07 -17.35
C ARG B 102 -10.47 -7.76 -17.05
N TRP B 103 -9.93 -8.48 -18.04
CA TRP B 103 -8.63 -9.14 -17.86
C TRP B 103 -7.45 -8.16 -17.91
N MET B 104 -7.56 -7.09 -18.70
CA MET B 104 -6.59 -6.02 -18.63
C MET B 104 -6.60 -5.37 -17.24
N GLY B 105 -7.79 -5.20 -16.66
CA GLY B 105 -7.93 -4.67 -15.31
C GLY B 105 -7.24 -5.58 -14.30
N ASN B 106 -7.47 -6.89 -14.41
CA ASN B 106 -6.81 -7.85 -13.54
C ASN B 106 -5.29 -7.77 -13.64
N LYS B 107 -4.79 -7.69 -14.88
CA LYS B 107 -3.36 -7.58 -15.15
C LYS B 107 -2.74 -6.40 -14.41
N ALA B 108 -3.36 -5.24 -14.55
CA ALA B 108 -2.89 -4.01 -13.91
C ALA B 108 -2.83 -4.17 -12.40
N ARG B 109 -3.88 -4.75 -11.81
CA ARG B 109 -3.95 -4.88 -10.35
C ARG B 109 -2.93 -5.90 -9.84
N PHE B 110 -2.71 -6.98 -10.59
CA PHE B 110 -1.72 -7.97 -10.20
C PHE B 110 -0.32 -7.36 -10.22
N TYR B 111 0.04 -6.73 -11.33
CA TYR B 111 1.38 -6.15 -11.43
C TYR B 111 1.64 -5.02 -10.40
N ALA B 112 0.63 -4.18 -10.14
CA ALA B 112 0.78 -3.11 -9.14
C ALA B 112 1.18 -3.71 -7.79
N ARG B 113 0.54 -4.80 -7.41
CA ARG B 113 0.83 -5.49 -6.16
C ARG B 113 2.21 -6.15 -6.13
N VAL B 114 2.57 -6.83 -7.21
CA VAL B 114 3.89 -7.47 -7.34
C VAL B 114 5.04 -6.44 -7.34
N TYR B 115 4.92 -5.38 -8.13
CA TYR B 115 5.93 -4.33 -8.18
C TYR B 115 6.10 -3.70 -6.79
N GLU B 116 4.99 -3.35 -6.16
CA GLU B 116 5.05 -2.69 -4.88
C GLU B 116 5.73 -3.54 -3.82
N LYS B 117 5.40 -4.83 -3.77
CA LYS B 117 5.99 -5.73 -2.80
C LYS B 117 7.43 -6.10 -3.10
N MET B 118 7.81 -6.16 -4.38
CA MET B 118 9.19 -6.49 -4.72
C MET B 118 10.15 -5.31 -4.55
N ALA B 119 9.64 -4.13 -4.20
CA ALA B 119 10.47 -3.06 -3.64
C ALA B 119 10.86 -3.29 -2.17
N GLN B 120 10.17 -4.24 -1.53
CA GLN B 120 10.28 -4.45 -0.08
C GLN B 120 10.77 -5.86 0.29
N TYR B 121 10.84 -6.77 -0.68
CA TYR B 121 11.32 -8.15 -0.47
C TYR B 121 12.38 -8.52 -1.50
N ARG B 122 13.30 -9.41 -1.12
CA ARG B 122 14.37 -9.83 -2.01
C ARG B 122 13.88 -10.92 -2.95
N SER B 123 13.04 -11.81 -2.45
CA SER B 123 12.79 -13.10 -3.11
C SER B 123 11.36 -13.29 -3.59
N LEU B 124 11.22 -13.67 -4.86
CA LEU B 124 9.94 -14.01 -5.49
C LEU B 124 9.96 -15.44 -6.04
N SER B 125 8.87 -16.17 -5.77
CA SER B 125 8.67 -17.50 -6.32
C SER B 125 7.19 -17.86 -6.25
N PHE B 126 6.82 -19.05 -6.73
CA PHE B 126 5.44 -19.50 -6.62
C PHE B 126 5.36 -20.66 -5.64
N VAL B 127 4.25 -20.72 -4.91
CA VAL B 127 3.90 -21.92 -4.15
C VAL B 127 2.52 -22.38 -4.58
N ASN B 128 2.30 -23.68 -4.44
CA ASN B 128 1.00 -24.27 -4.70
C ASN B 128 0.24 -24.32 -3.40
N VAL B 129 -1.03 -23.89 -3.44
CA VAL B 129 -1.88 -23.84 -2.26
C VAL B 129 -2.86 -24.99 -2.31
N SER B 130 -2.93 -25.76 -1.23
CA SER B 130 -3.91 -26.85 -1.13
C SER B 130 -5.01 -26.49 -0.14
N TYR B 131 -6.12 -27.22 -0.23
CA TYR B 131 -7.30 -26.96 0.57
C TYR B 131 -7.88 -28.23 1.15
N ALA B 132 -8.76 -28.06 2.13
CA ALA B 132 -9.49 -29.15 2.76
C ALA B 132 -10.96 -28.78 2.65
N TYR B 133 -11.76 -29.69 2.08
CA TYR B 133 -13.17 -29.44 1.80
C TYR B 133 -13.99 -30.65 2.26
N GLY B 134 -15.15 -30.38 2.85
CA GLY B 134 -15.99 -31.40 3.46
C GLY B 134 -16.86 -32.22 2.50
N GLY B 135 -17.37 -31.58 1.46
CA GLY B 135 -18.25 -32.23 0.50
C GLY B 135 -17.58 -33.12 -0.53
N ASN B 136 -18.37 -33.62 -1.48
CA ASN B 136 -17.91 -34.54 -2.52
C ASN B 136 -17.56 -33.89 -3.85
N ALA B 137 -18.07 -32.69 -4.10
CA ALA B 137 -17.82 -31.98 -5.36
C ALA B 137 -16.33 -31.74 -5.61
N LYS B 138 -15.99 -31.53 -6.87
CA LYS B 138 -14.60 -31.43 -7.32
C LYS B 138 -14.40 -30.14 -8.13
N PRO B 139 -13.15 -29.78 -8.43
CA PRO B 139 -12.96 -28.58 -9.24
C PRO B 139 -13.65 -28.67 -10.60
N THR B 140 -13.98 -27.51 -11.16
CA THR B 140 -14.46 -27.43 -12.54
C THR B 140 -13.71 -26.26 -13.20
N SER B 141 -13.38 -26.41 -14.48
CA SER B 141 -12.67 -25.39 -15.23
C SER B 141 -13.67 -24.48 -15.92
N ILE B 142 -14.35 -23.66 -15.12
CA ILE B 142 -15.42 -22.80 -15.59
C ILE B 142 -14.90 -21.61 -16.41
N CYS B 143 -13.69 -21.14 -16.13
CA CYS B 143 -13.10 -20.04 -16.88
C CYS B 143 -12.03 -20.54 -17.87
N LYS B 144 -12.35 -20.50 -19.16
CA LYS B 144 -11.40 -20.92 -20.21
C LYS B 144 -11.87 -20.52 -21.62
N ASP B 145 -10.91 -20.42 -22.55
CA ASP B 145 -11.22 -20.28 -23.96
C ASP B 145 -10.42 -21.31 -24.76
N LYS B 146 -10.40 -21.18 -26.08
CA LYS B 146 -9.76 -22.16 -26.97
C LYS B 146 -8.28 -22.43 -26.64
N THR B 147 -7.53 -21.41 -26.23
CA THR B 147 -6.08 -21.54 -26.09
C THR B 147 -5.55 -21.47 -24.64
N LEU B 148 -6.35 -20.94 -23.72
CA LEU B 148 -5.95 -20.88 -22.32
C LEU B 148 -7.00 -21.47 -21.39
N THR B 149 -6.53 -22.08 -20.30
CA THR B 149 -7.38 -22.60 -19.23
C THR B 149 -6.91 -22.03 -17.89
N LEU B 150 -7.79 -21.30 -17.23
CA LEU B 150 -7.49 -20.74 -15.92
C LEU B 150 -7.57 -21.83 -14.86
N ASN B 151 -6.64 -21.81 -13.90
CA ASN B 151 -6.67 -22.74 -12.76
C ASN B 151 -6.39 -22.08 -11.40
N ASN B 152 -6.36 -20.74 -11.37
CA ASN B 152 -6.20 -19.98 -10.13
C ASN B 152 -7.04 -18.73 -10.24
N PRO B 153 -8.03 -18.57 -9.36
CA PRO B 153 -8.44 -19.48 -8.31
C PRO B 153 -9.04 -20.79 -8.84
N THR B 154 -9.16 -21.74 -7.93
CA THR B 154 -9.91 -22.97 -8.15
C THR B 154 -11.37 -22.69 -7.92
N PHE B 155 -12.23 -23.35 -8.69
CA PHE B 155 -13.67 -23.27 -8.52
C PHE B 155 -14.20 -24.66 -8.26
N ILE B 156 -14.99 -24.82 -7.20
CA ILE B 156 -15.53 -26.11 -6.82
C ILE B 156 -16.99 -26.17 -7.21
N SER B 157 -17.38 -27.29 -7.83
CA SER B 157 -18.74 -27.50 -8.31
C SER B 157 -19.79 -27.53 -7.20
N LYS B 158 -21.05 -27.34 -7.62
CA LYS B 158 -22.22 -27.55 -6.78
C LYS B 158 -22.29 -29.01 -6.33
N GLU B 159 -22.62 -29.27 -5.07
CA GLU B 159 -22.87 -30.64 -4.60
C GLU B 159 -24.08 -31.23 -5.35
N SER B 160 -24.03 -32.53 -5.64
CA SER B 160 -25.10 -33.22 -6.38
C SER B 160 -26.50 -32.89 -5.88
N ASN B 161 -26.66 -32.84 -4.55
CA ASN B 161 -27.97 -32.67 -3.93
C ASN B 161 -28.52 -31.23 -3.94
N TYR B 162 -27.71 -30.22 -4.21
CA TYR B 162 -28.22 -28.85 -4.24
C TYR B 162 -29.00 -28.58 -5.53
N VAL B 163 -30.16 -27.96 -5.38
CA VAL B 163 -31.08 -27.69 -6.48
C VAL B 163 -30.72 -26.44 -7.27
N ASP B 164 -30.11 -25.47 -6.60
CA ASP B 164 -29.71 -24.22 -7.22
C ASP B 164 -28.40 -23.74 -6.59
N TYR B 165 -27.96 -22.54 -6.98
CA TYR B 165 -26.69 -21.99 -6.51
C TYR B 165 -26.83 -20.91 -5.40
N TYR B 166 -27.96 -20.92 -4.69
CA TYR B 166 -28.14 -20.07 -3.50
C TYR B 166 -27.73 -20.83 -2.24
N TYR B 167 -26.45 -21.13 -2.10
CA TYR B 167 -25.95 -21.87 -0.95
C TYR B 167 -24.67 -21.25 -0.39
N GLU B 168 -24.45 -21.44 0.91
CA GLU B 168 -23.17 -21.16 1.54
C GLU B 168 -22.33 -22.42 1.36
N SER B 169 -21.04 -22.21 1.13
CA SER B 169 -20.07 -23.30 1.05
C SER B 169 -18.71 -22.74 1.47
N GLU B 170 -17.85 -23.62 1.98
CA GLU B 170 -16.57 -23.21 2.51
C GLU B 170 -15.51 -24.30 2.39
N ALA B 171 -14.26 -23.87 2.45
CA ALA B 171 -13.11 -24.77 2.50
C ALA B 171 -11.98 -24.04 3.24
N ASN B 172 -11.10 -24.82 3.86
CA ASN B 172 -9.94 -24.27 4.57
C ASN B 172 -8.72 -24.30 3.68
N PHE B 173 -7.86 -23.30 3.83
CA PHE B 173 -6.52 -23.35 3.22
C PHE B 173 -5.48 -22.70 4.13
N THR B 174 -4.25 -23.21 4.03
CA THR B 174 -3.13 -22.79 4.86
C THR B 174 -2.08 -22.16 3.97
N LEU B 175 -1.60 -20.99 4.37
CA LEU B 175 -0.44 -20.34 3.77
C LEU B 175 0.75 -20.49 4.73
N GLN B 176 1.78 -21.20 4.29
CA GLN B 176 2.98 -21.41 5.08
C GLN B 176 4.21 -21.34 4.18
N GLY B 177 5.34 -20.99 4.76
CA GLY B 177 6.64 -21.02 4.05
C GLY B 177 7.07 -19.75 3.35
N CYS B 178 6.33 -18.65 3.52
CA CYS B 178 6.68 -17.36 2.94
C CYS B 178 6.40 -16.26 3.96
N ASP B 179 7.05 -15.11 3.83
CA ASP B 179 6.73 -13.96 4.70
C ASP B 179 5.40 -13.35 4.33
N GLU B 180 5.15 -13.19 3.04
CA GLU B 180 3.82 -12.81 2.56
C GLU B 180 3.50 -13.55 1.28
N PHE B 181 2.22 -13.60 0.96
CA PHE B 181 1.67 -14.37 -0.16
C PHE B 181 0.73 -13.47 -0.96
N ILE B 182 0.90 -13.37 -2.27
CA ILE B 182 -0.11 -12.69 -3.08
C ILE B 182 -1.12 -13.72 -3.61
N VAL B 183 -2.39 -13.53 -3.27
CA VAL B 183 -3.48 -14.42 -3.73
C VAL B 183 -4.58 -13.63 -4.45
N PRO B 184 -5.28 -14.28 -5.41
CA PRO B 184 -6.41 -13.64 -6.04
C PRO B 184 -7.69 -13.92 -5.28
N LEU B 185 -8.51 -12.88 -5.11
CA LEU B 185 -9.88 -13.03 -4.61
C LEU B 185 -10.78 -12.51 -5.71
N CYS B 186 -11.60 -13.38 -6.30
CA CYS B 186 -12.31 -13.04 -7.52
C CYS B 186 -13.79 -13.37 -7.48
N VAL B 187 -14.58 -12.65 -8.28
CA VAL B 187 -15.98 -12.99 -8.52
C VAL B 187 -16.31 -12.83 -10.00
N PHE B 188 -17.24 -13.65 -10.49
CA PHE B 188 -17.90 -13.37 -11.76
C PHE B 188 -18.77 -12.15 -11.47
N ASN B 189 -18.50 -11.07 -12.18
CA ASN B 189 -19.13 -9.78 -11.88
C ASN B 189 -20.23 -9.50 -12.89
N GLY B 190 -21.47 -9.81 -12.50
CA GLY B 190 -22.63 -9.76 -13.40
C GLY B 190 -23.71 -10.74 -12.97
N HIS B 191 -24.74 -10.88 -13.80
CA HIS B 191 -25.78 -11.88 -13.58
C HIS B 191 -25.27 -13.24 -14.02
N SER B 192 -24.72 -14.00 -13.07
CA SER B 192 -24.24 -15.34 -13.36
C SER B 192 -25.40 -16.31 -13.53
N LYS B 193 -25.23 -17.29 -14.42
CA LYS B 193 -26.25 -18.26 -14.72
C LYS B 193 -25.84 -19.64 -14.23
N GLY B 194 -26.81 -20.38 -13.68
CA GLY B 194 -26.58 -21.76 -13.25
C GLY B 194 -26.63 -22.71 -14.43
N SER B 195 -27.70 -22.64 -15.22
CA SER B 195 -27.83 -23.45 -16.43
C SER B 195 -28.68 -22.72 -17.49
N SER B 196 -29.08 -23.45 -18.53
CA SER B 196 -30.07 -22.97 -19.50
C SER B 196 -31.46 -23.50 -19.17
N SER B 197 -31.53 -24.48 -18.25
CA SER B 197 -32.82 -25.02 -17.79
C SER B 197 -33.53 -24.02 -16.85
N ASP B 198 -32.75 -23.25 -16.10
CA ASP B 198 -33.26 -22.11 -15.32
C ASP B 198 -33.97 -21.12 -16.25
N PRO B 199 -35.02 -20.43 -15.73
CA PRO B 199 -35.63 -19.37 -16.54
C PRO B 199 -34.67 -18.21 -16.81
N ALA B 200 -35.10 -17.25 -17.64
CA ALA B 200 -34.27 -16.09 -17.98
C ALA B 200 -34.02 -15.22 -16.76
N ASN B 201 -35.09 -14.88 -16.06
CA ASN B 201 -35.02 -13.99 -14.90
C ASN B 201 -34.37 -14.58 -13.63
N LYS B 202 -33.85 -15.82 -13.71
CA LYS B 202 -33.16 -16.44 -12.58
C LYS B 202 -31.65 -16.33 -12.78
N TYR B 203 -30.99 -15.56 -11.91
CA TYR B 203 -29.55 -15.39 -11.98
C TYR B 203 -28.92 -15.31 -10.58
N TYR B 204 -27.60 -15.31 -10.54
CA TYR B 204 -26.86 -15.36 -9.30
C TYR B 204 -25.89 -14.17 -9.17
N THR B 205 -25.61 -13.81 -7.91
CA THR B 205 -24.73 -12.71 -7.54
C THR B 205 -23.57 -13.33 -6.77
N ASP B 206 -22.48 -13.58 -7.48
CA ASP B 206 -21.32 -14.28 -6.95
C ASP B 206 -20.78 -13.53 -5.72
N SER B 207 -20.46 -14.26 -4.66
CA SER B 207 -19.97 -13.69 -3.42
C SER B 207 -18.86 -14.55 -2.86
N GLN B 208 -17.71 -13.94 -2.55
CA GLN B 208 -16.58 -14.70 -2.03
C GLN B 208 -15.81 -13.91 -1.00
N SER B 209 -15.36 -14.63 0.02
CA SER B 209 -14.55 -14.04 1.06
C SER B 209 -13.46 -15.01 1.52
N TYR B 210 -12.34 -14.46 1.98
CA TYR B 210 -11.30 -15.22 2.66
C TYR B 210 -11.22 -14.65 4.08
N TYR B 211 -11.15 -15.54 5.05
CA TYR B 211 -11.14 -15.18 6.46
C TYR B 211 -9.90 -15.75 7.13
N ASN B 212 -9.15 -14.89 7.82
CA ASN B 212 -7.97 -15.33 8.56
C ASN B 212 -8.42 -15.81 9.95
N MET B 213 -8.40 -17.12 10.16
N MET B 213 -8.43 -17.13 10.16
CA MET B 213 -8.86 -17.72 11.41
CA MET B 213 -8.89 -17.69 11.43
C MET B 213 -8.00 -17.34 12.60
C MET B 213 -8.02 -17.25 12.61
N ASP B 214 -6.74 -16.98 12.36
CA ASP B 214 -5.82 -16.58 13.42
C ASP B 214 -6.03 -15.15 13.90
N THR B 215 -6.41 -14.24 12.99
CA THR B 215 -6.45 -12.82 13.32
C THR B 215 -7.87 -12.26 13.43
N GLY B 216 -8.83 -12.93 12.79
CA GLY B 216 -10.20 -12.43 12.70
C GLY B 216 -10.46 -11.41 11.60
N VAL B 217 -9.49 -11.18 10.71
CA VAL B 217 -9.68 -10.27 9.57
C VAL B 217 -10.38 -10.98 8.41
N LEU B 218 -11.41 -10.36 7.83
CA LEU B 218 -12.12 -10.90 6.66
C LEU B 218 -11.98 -9.99 5.43
N TYR B 219 -11.74 -10.60 4.28
CA TYR B 219 -11.70 -9.91 2.99
C TYR B 219 -12.84 -10.46 2.16
N GLY B 220 -13.80 -9.60 1.82
CA GLY B 220 -15.00 -10.03 1.08
C GLY B 220 -15.19 -9.30 -0.25
N PHE B 221 -15.91 -9.95 -1.17
CA PHE B 221 -16.13 -9.42 -2.51
C PHE B 221 -17.46 -9.93 -3.08
N ASN B 222 -18.35 -8.99 -3.37
CA ASN B 222 -19.63 -9.28 -4.05
C ASN B 222 -19.66 -8.70 -5.46
N SER B 223 -20.23 -9.47 -6.37
CA SER B 223 -20.61 -9.00 -7.72
C SER B 223 -21.55 -7.81 -7.58
N THR B 224 -21.37 -6.78 -8.41
CA THR B 224 -22.30 -5.64 -8.44
C THR B 224 -22.85 -5.31 -9.84
N LEU B 225 -22.32 -5.90 -10.90
CA LEU B 225 -22.71 -5.50 -12.27
C LEU B 225 -23.92 -6.29 -12.75
N ASP B 226 -24.50 -5.91 -13.88
N ASP B 226 -24.47 -5.90 -13.90
CA ASP B 226 -25.64 -6.64 -14.46
CA ASP B 226 -25.66 -6.54 -14.49
C ASP B 226 -25.40 -7.11 -15.89
C ASP B 226 -25.38 -7.23 -15.83
N VAL B 227 -24.13 -7.24 -16.27
CA VAL B 227 -23.76 -7.85 -17.56
C VAL B 227 -23.92 -9.37 -17.48
N GLY B 228 -24.15 -10.01 -18.62
CA GLY B 228 -24.38 -11.44 -18.67
C GLY B 228 -23.46 -12.14 -19.65
N ASN B 229 -23.84 -13.38 -19.96
CA ASN B 229 -23.12 -14.23 -20.90
C ASN B 229 -24.01 -14.57 -22.10
N THR B 230 -24.63 -13.56 -22.71
CA THR B 230 -25.43 -13.74 -23.94
C THR B 230 -25.15 -12.61 -24.95
N VAL B 231 -25.56 -12.84 -26.21
CA VAL B 231 -25.42 -11.81 -27.23
C VAL B 231 -26.29 -10.58 -26.91
N GLN B 232 -27.42 -10.80 -26.24
CA GLN B 232 -28.27 -9.68 -25.79
C GLN B 232 -27.66 -8.83 -24.69
N ASN B 233 -26.88 -9.47 -23.81
CA ASN B 233 -26.35 -8.77 -22.62
C ASN B 233 -24.95 -9.32 -22.28
N PRO B 234 -23.93 -8.96 -23.06
CA PRO B 234 -22.60 -9.57 -22.89
C PRO B 234 -21.79 -8.86 -21.81
N GLY B 235 -20.69 -9.47 -21.39
CA GLY B 235 -19.70 -8.80 -20.54
C GLY B 235 -19.34 -9.44 -19.20
N LEU B 236 -20.06 -10.49 -18.83
CA LEU B 236 -19.78 -11.24 -17.59
C LEU B 236 -18.43 -11.89 -17.69
N ASP B 237 -17.52 -11.55 -16.77
CA ASP B 237 -16.22 -12.17 -16.71
C ASP B 237 -15.72 -12.14 -15.24
N LEU B 238 -14.49 -12.61 -15.03
CA LEU B 238 -13.92 -12.68 -13.69
C LEU B 238 -13.24 -11.37 -13.32
N THR B 239 -13.67 -10.76 -12.21
CA THR B 239 -12.97 -9.59 -11.68
C THR B 239 -12.13 -10.08 -10.49
N CYS B 240 -10.84 -9.75 -10.48
CA CYS B 240 -9.96 -10.23 -9.41
C CYS B 240 -9.30 -9.10 -8.66
N ARG B 241 -9.27 -9.26 -7.33
CA ARG B 241 -8.42 -8.47 -6.46
C ARG B 241 -7.23 -9.32 -6.07
N TYR B 242 -6.11 -8.66 -5.81
CA TYR B 242 -4.86 -9.32 -5.46
C TYR B 242 -4.42 -8.89 -4.04
N LEU B 243 -4.60 -9.81 -3.09
CA LEU B 243 -4.34 -9.54 -1.67
C LEU B 243 -2.96 -10.04 -1.25
N ALA B 244 -2.25 -9.23 -0.46
CA ALA B 244 -1.00 -9.64 0.20
C ALA B 244 -1.33 -10.13 1.61
N LEU B 245 -1.30 -11.44 1.81
CA LEU B 245 -1.70 -12.04 3.07
C LEU B 245 -0.47 -12.56 3.80
N THR B 246 -0.61 -12.73 5.10
CA THR B 246 0.45 -13.22 5.98
C THR B 246 0.24 -14.72 6.17
N PRO B 247 1.30 -15.44 6.61
CA PRO B 247 1.14 -16.86 6.85
C PRO B 247 0.06 -17.13 7.89
N GLY B 248 -0.67 -18.24 7.72
CA GLY B 248 -1.72 -18.60 8.66
C GLY B 248 -2.75 -19.54 8.11
N ASN B 249 -3.79 -19.75 8.91
CA ASN B 249 -4.87 -20.65 8.57
C ASN B 249 -6.07 -19.84 8.11
N TYR B 250 -6.55 -20.14 6.91
CA TYR B 250 -7.62 -19.36 6.29
C TYR B 250 -8.84 -20.21 6.01
N LYS B 251 -9.96 -19.52 5.87
CA LYS B 251 -11.22 -20.13 5.47
C LYS B 251 -11.75 -19.36 4.24
N ALA B 252 -12.02 -20.08 3.17
CA ALA B 252 -12.67 -19.50 1.99
C ALA B 252 -14.16 -19.67 2.20
N VAL B 253 -14.89 -18.57 2.33
CA VAL B 253 -16.33 -18.63 2.57
C VAL B 253 -17.10 -17.99 1.43
N SER B 254 -17.86 -18.82 0.73
CA SER B 254 -18.67 -18.41 -0.41
C SER B 254 -20.11 -18.30 0.03
N LEU B 255 -20.75 -17.16 -0.22
CA LEU B 255 -22.14 -16.94 0.18
C LEU B 255 -23.15 -17.18 -0.97
N GLU B 256 -22.66 -17.28 -2.21
CA GLU B 256 -23.53 -17.58 -3.35
C GLU B 256 -22.68 -17.99 -4.54
N TYR B 257 -23.22 -18.89 -5.36
CA TYR B 257 -22.56 -19.41 -6.56
C TYR B 257 -21.38 -20.33 -6.18
N LEU B 258 -20.42 -20.48 -7.09
CA LEU B 258 -19.34 -21.46 -6.92
C LEU B 258 -18.26 -21.00 -5.93
N LEU B 259 -17.87 -21.92 -5.04
CA LEU B 259 -16.81 -21.65 -4.08
C LEU B 259 -15.52 -21.47 -4.84
N SER B 260 -14.80 -20.38 -4.58
CA SER B 260 -13.48 -20.22 -5.18
C SER B 260 -12.43 -19.95 -4.12
N LEU B 261 -11.20 -20.36 -4.40
CA LEU B 261 -10.08 -20.20 -3.47
C LEU B 261 -8.74 -20.34 -4.22
N PRO B 262 -7.64 -19.82 -3.63
CA PRO B 262 -6.33 -19.85 -4.31
C PRO B 262 -5.76 -21.25 -4.53
N SER B 263 -5.14 -21.48 -5.68
CA SER B 263 -4.39 -22.72 -5.95
C SER B 263 -2.90 -22.43 -6.02
N LYS B 264 -2.57 -21.16 -6.24
CA LYS B 264 -1.20 -20.70 -6.34
C LYS B 264 -1.09 -19.31 -5.70
N ALA B 265 0.08 -19.02 -5.16
CA ALA B 265 0.39 -17.75 -4.57
C ALA B 265 1.77 -17.30 -5.02
N ILE B 266 1.98 -15.99 -5.07
CA ILE B 266 3.33 -15.46 -5.20
C ILE B 266 3.92 -15.49 -3.79
N CYS B 267 5.10 -16.11 -3.68
CA CYS B 267 5.82 -16.25 -2.43
C CYS B 267 6.81 -15.10 -2.30
N LEU B 268 6.62 -14.28 -1.26
CA LEU B 268 7.48 -13.15 -0.97
C LEU B 268 8.30 -13.47 0.27
N ARG B 269 9.64 -13.40 0.15
CA ARG B 269 10.55 -13.70 1.26
C ARG B 269 11.72 -12.71 1.37
N LYS B 270 12.29 -12.63 2.57
CA LYS B 270 13.50 -11.83 2.85
C LYS B 270 13.30 -10.32 2.69
N PRO B 271 12.78 -9.68 3.73
CA PRO B 271 12.64 -8.23 3.73
C PRO B 271 13.95 -7.52 3.41
N LYS B 272 13.86 -6.38 2.74
CA LYS B 272 15.02 -5.55 2.45
C LYS B 272 14.62 -4.11 2.69
N SER B 273 15.61 -3.23 2.86
N SER B 273 15.60 -3.23 2.87
CA SER B 273 15.33 -1.82 2.87
CA SER B 273 15.29 -1.81 2.93
C SER B 273 14.73 -1.46 1.51
C SER B 273 14.81 -1.38 1.54
N PHE B 274 13.77 -0.54 1.52
CA PHE B 274 13.08 -0.15 0.31
C PHE B 274 14.01 0.19 -0.84
N MET B 275 13.82 -0.50 -1.97
CA MET B 275 14.56 -0.29 -3.20
C MET B 275 13.61 -0.49 -4.41
N PRO B 276 13.27 0.60 -5.11
CA PRO B 276 12.29 0.48 -6.20
C PRO B 276 12.68 -0.54 -7.25
N VAL B 277 11.69 -1.25 -7.78
CA VAL B 277 11.92 -2.13 -8.91
C VAL B 277 12.05 -1.29 -10.19
N GLN B 278 12.66 -1.88 -11.21
CA GLN B 278 12.75 -1.28 -12.54
C GLN B 278 11.94 -2.13 -13.53
N VAL B 279 11.11 -1.46 -14.32
CA VAL B 279 10.25 -2.16 -15.28
C VAL B 279 10.52 -1.68 -16.69
N VAL B 280 10.76 -2.62 -17.60
CA VAL B 280 10.92 -2.31 -19.03
C VAL B 280 9.62 -2.62 -19.76
N ASP B 281 9.14 -1.67 -20.54
CA ASP B 281 7.87 -1.83 -21.25
C ASP B 281 7.92 -3.07 -22.14
N SER B 282 6.89 -3.91 -22.04
CA SER B 282 6.84 -5.19 -22.72
C SER B 282 5.64 -5.23 -23.66
N ARG B 283 5.89 -4.96 -24.93
CA ARG B 283 4.83 -4.84 -25.93
C ARG B 283 5.21 -5.54 -27.24
N TRP B 284 4.22 -5.77 -28.10
CA TRP B 284 4.43 -6.34 -29.43
C TRP B 284 4.93 -5.25 -30.39
N ASN B 285 4.98 -5.57 -31.68
CA ASN B 285 5.08 -4.53 -32.71
C ASN B 285 3.71 -3.86 -32.91
N SER B 286 3.72 -2.68 -33.54
CA SER B 286 2.54 -1.83 -33.70
C SER B 286 1.28 -2.53 -34.21
N THR B 287 1.41 -3.34 -35.27
CA THR B 287 0.27 -3.97 -35.94
C THR B 287 -0.48 -5.04 -35.11
N ARG B 288 0.08 -5.41 -33.96
CA ARG B 288 -0.57 -6.31 -33.00
C ARG B 288 -0.95 -5.53 -31.72
N GLN B 289 -2.04 -5.95 -31.08
CA GLN B 289 -2.66 -5.19 -29.98
C GLN B 289 -1.89 -5.30 -28.67
N SER B 290 -1.33 -4.18 -28.22
CA SER B 290 -0.65 -4.10 -26.93
C SER B 290 -1.53 -3.42 -25.87
N ASP B 291 -1.02 -3.36 -24.64
CA ASP B 291 -1.69 -2.67 -23.55
C ASP B 291 -0.62 -1.94 -22.72
N ASN B 292 -1.04 -0.94 -21.94
CA ASN B 292 -0.10 -0.26 -21.01
C ASN B 292 -0.42 -0.51 -19.53
N MET B 293 -0.88 -1.72 -19.23
CA MET B 293 -1.24 -2.08 -17.86
C MET B 293 -0.02 -2.11 -16.94
N THR B 294 1.15 -2.55 -17.45
CA THR B 294 2.39 -2.51 -16.65
C THR B 294 2.81 -1.05 -16.37
N ALA B 295 2.49 -0.11 -17.27
CA ALA B 295 2.78 1.31 -17.02
C ALA B 295 1.90 1.89 -15.91
N VAL B 296 0.60 1.60 -15.94
CA VAL B 296 -0.29 1.99 -14.83
C VAL B 296 0.15 1.36 -13.50
N ALA B 297 0.64 0.12 -13.56
CA ALA B 297 1.07 -0.60 -12.37
C ALA B 297 2.36 -0.04 -11.74
N CYS B 298 3.17 0.62 -12.56
CA CYS B 298 4.54 1.03 -12.18
C CYS B 298 4.55 2.53 -11.82
N GLN B 299 4.48 2.84 -10.55
CA GLN B 299 4.37 4.21 -10.09
C GLN B 299 5.46 4.43 -9.06
N LEU B 300 5.83 5.69 -8.90
CA LEU B 300 6.63 6.14 -7.79
C LEU B 300 5.81 6.00 -6.52
N PRO B 301 6.47 5.76 -5.39
CA PRO B 301 7.91 5.63 -5.20
C PRO B 301 8.52 4.22 -5.38
N TYR B 302 7.71 3.22 -5.76
CA TYR B 302 8.15 1.81 -5.66
C TYR B 302 8.64 1.26 -7.00
N CYS B 303 8.50 2.01 -8.09
CA CYS B 303 8.83 1.51 -9.38
C CYS B 303 9.32 2.61 -10.30
N PHE B 304 10.35 2.32 -11.11
CA PHE B 304 10.80 3.20 -12.19
C PHE B 304 10.46 2.53 -13.51
N PHE B 305 9.70 3.22 -14.37
CA PHE B 305 9.32 2.71 -15.66
C PHE B 305 10.30 3.20 -16.71
N ARG B 306 10.79 2.28 -17.55
CA ARG B 306 11.71 2.64 -18.62
C ARG B 306 11.08 2.22 -19.94
N ASN B 307 11.03 3.14 -20.88
CA ASN B 307 10.52 2.86 -22.23
C ASN B 307 11.47 3.46 -23.27
N THR B 308 11.42 2.95 -24.50
CA THR B 308 12.22 3.49 -25.61
C THR B 308 11.40 4.52 -26.40
N SER B 309 12.05 5.18 -27.37
CA SER B 309 11.41 6.17 -28.22
C SER B 309 11.09 5.64 -29.63
N ALA B 310 11.50 4.39 -29.91
CA ALA B 310 11.26 3.78 -31.21
C ALA B 310 10.28 2.61 -31.11
N ASP B 311 9.55 2.39 -32.20
CA ASP B 311 8.63 1.26 -32.30
C ASP B 311 9.41 -0.05 -32.27
N TYR B 312 8.76 -1.13 -31.82
CA TYR B 312 9.39 -2.45 -31.79
C TYR B 312 9.45 -3.04 -33.21
N SER B 313 10.63 -2.93 -33.84
CA SER B 313 10.85 -3.41 -35.19
C SER B 313 12.22 -4.09 -35.30
N ASP B 323 15.24 -6.05 -31.85
CA ASP B 323 15.11 -4.59 -31.80
C ASP B 323 16.37 -3.94 -31.24
N PHE B 324 16.84 -2.90 -31.94
CA PHE B 324 18.06 -2.17 -31.59
C PHE B 324 17.93 -1.37 -30.29
N HIS B 325 16.81 -0.68 -30.12
CA HIS B 325 16.62 0.27 -29.00
C HIS B 325 16.42 -0.40 -27.65
N PHE B 326 15.80 -1.58 -27.63
CA PHE B 326 15.54 -2.31 -26.37
C PHE B 326 16.78 -3.08 -25.88
N ARG B 327 17.60 -3.55 -26.83
CA ARG B 327 18.90 -4.15 -26.52
C ARG B 327 19.79 -3.17 -25.76
N GLN B 328 19.80 -1.92 -26.19
CA GLN B 328 20.60 -0.88 -25.55
C GLN B 328 20.00 -0.45 -24.21
N LEU B 329 18.71 -0.65 -24.03
CA LEU B 329 18.07 -0.42 -22.73
C LEU B 329 18.48 -1.53 -21.74
N LEU B 330 18.41 -2.79 -22.18
CA LEU B 330 18.93 -3.91 -21.38
C LEU B 330 20.46 -3.92 -21.24
N SER B 331 21.18 -3.22 -22.11
CA SER B 331 22.65 -3.26 -22.05
C SER B 331 23.19 -2.67 -20.76
N GLY B 332 22.38 -1.89 -20.06
CA GLY B 332 22.73 -1.40 -18.73
C GLY B 332 23.03 -2.50 -17.72
N LEU B 333 22.54 -3.71 -18.00
CA LEU B 333 22.75 -4.84 -17.10
C LEU B 333 24.18 -5.40 -17.17
N LEU B 334 24.95 -4.98 -18.18
CA LEU B 334 26.36 -5.40 -18.33
C LEU B 334 27.35 -4.64 -17.42
N TYR B 335 26.91 -3.54 -16.80
CA TYR B 335 27.79 -2.80 -15.89
C TYR B 335 27.05 -2.26 -14.66
N ASN B 336 27.83 -1.78 -13.70
CA ASN B 336 27.29 -1.12 -12.52
C ASN B 336 27.18 0.34 -12.79
N VAL B 337 26.24 1.00 -12.11
CA VAL B 337 26.12 2.44 -12.15
C VAL B 337 26.10 2.94 -10.69
N SER B 338 26.37 4.23 -10.51
CA SER B 338 26.45 4.82 -9.17
C SER B 338 25.07 5.04 -8.56
N CYS B 339 24.09 5.40 -9.39
CA CYS B 339 22.83 5.92 -8.91
C CYS B 339 21.71 5.56 -9.88
N ILE B 340 20.59 5.06 -9.34
CA ILE B 340 19.39 4.76 -10.14
C ILE B 340 18.28 5.66 -9.60
N ALA B 341 17.69 6.47 -10.47
CA ALA B 341 16.80 7.55 -10.07
C ALA B 341 15.59 7.65 -10.99
N GLN B 342 14.68 8.57 -10.70
CA GLN B 342 13.48 8.78 -11.56
C GLN B 342 13.84 9.06 -13.01
N GLN B 343 14.81 9.93 -13.24
CA GLN B 343 15.21 10.34 -14.61
C GLN B 343 15.97 9.27 -15.41
N GLY B 344 16.57 8.30 -14.74
CA GLY B 344 17.41 7.30 -15.39
C GLY B 344 18.56 6.88 -14.48
N ALA B 345 19.60 6.30 -15.07
CA ALA B 345 20.77 5.87 -14.33
C ALA B 345 21.90 6.90 -14.49
N PHE B 346 22.49 7.31 -13.38
CA PHE B 346 23.69 8.17 -13.40
C PHE B 346 24.90 7.28 -13.20
N VAL B 347 25.76 7.21 -14.22
CA VAL B 347 26.92 6.32 -14.17
C VAL B 347 27.85 6.73 -13.02
N TYR B 348 28.09 8.04 -12.88
CA TYR B 348 29.10 8.54 -11.96
C TYR B 348 28.48 9.14 -10.70
N ASN B 349 29.26 9.13 -9.62
CA ASN B 349 28.75 9.47 -8.30
C ASN B 349 29.02 10.92 -7.89
N ASN B 350 29.70 11.69 -8.74
CA ASN B 350 30.22 13.00 -8.32
C ASN B 350 29.37 14.23 -8.69
N VAL B 351 29.35 14.61 -9.98
CA VAL B 351 28.62 15.79 -10.45
C VAL B 351 27.78 15.46 -11.69
N SER B 352 26.73 16.24 -11.90
CA SER B 352 25.86 16.10 -13.08
C SER B 352 25.19 17.44 -13.34
N SER B 353 24.58 17.56 -14.53
N SER B 353 24.57 17.53 -14.52
CA SER B 353 23.78 18.74 -14.86
CA SER B 353 23.79 18.67 -14.94
C SER B 353 22.38 18.64 -14.25
C SER B 353 22.35 18.61 -14.39
N SER B 354 21.92 17.43 -13.97
CA SER B 354 20.58 17.19 -13.38
C SER B 354 20.69 16.83 -11.91
N TRP B 355 19.78 17.36 -11.07
CA TRP B 355 19.59 16.89 -9.70
C TRP B 355 18.81 15.57 -9.73
N PRO B 356 19.44 14.46 -9.29
CA PRO B 356 18.71 13.19 -9.20
C PRO B 356 17.47 13.31 -8.32
N ALA B 357 16.35 12.77 -8.77
CA ALA B 357 15.12 12.72 -7.95
C ALA B 357 14.82 11.26 -7.66
N TYR B 358 14.46 10.97 -6.40
CA TYR B 358 14.24 9.61 -5.95
C TYR B 358 15.45 8.76 -6.28
N GLY B 359 16.63 9.24 -5.90
CA GLY B 359 17.89 8.53 -6.19
C GLY B 359 18.24 7.49 -5.16
N TYR B 360 18.82 6.37 -5.62
CA TYR B 360 19.26 5.24 -4.80
C TYR B 360 20.69 4.94 -5.25
N GLY B 361 21.57 4.70 -4.28
CA GLY B 361 22.99 4.52 -4.56
C GLY B 361 23.80 5.70 -4.04
N HIS B 362 24.90 5.97 -4.73
CA HIS B 362 25.78 7.08 -4.40
C HIS B 362 25.60 8.12 -5.47
N CYS B 363 24.79 9.14 -5.16
CA CYS B 363 24.23 10.04 -6.19
C CYS B 363 24.98 11.38 -6.35
N PRO B 364 25.14 11.84 -7.60
CA PRO B 364 25.88 13.06 -7.88
C PRO B 364 25.10 14.33 -7.53
N THR B 365 25.85 15.41 -7.25
CA THR B 365 25.26 16.72 -7.03
C THR B 365 25.22 17.47 -8.35
N ALA B 366 24.26 18.38 -8.50
CA ALA B 366 24.27 19.31 -9.64
C ALA B 366 24.68 20.71 -9.21
N ALA B 367 25.25 20.85 -8.02
CA ALA B 367 25.82 22.13 -7.63
C ALA B 367 26.97 22.44 -8.57
N ASN B 368 27.24 23.73 -8.72
CA ASN B 368 28.41 24.19 -9.44
C ASN B 368 29.70 23.90 -8.69
N ILE B 369 30.41 22.88 -9.14
CA ILE B 369 31.78 22.64 -8.72
C ILE B 369 32.61 22.77 -9.99
N GLY B 370 33.34 23.89 -10.11
CA GLY B 370 34.17 24.12 -11.30
C GLY B 370 35.29 23.11 -11.47
N TYR B 371 36.00 23.19 -12.59
CA TYR B 371 37.20 22.39 -12.78
C TYR B 371 38.39 23.07 -12.12
N MET B 372 38.99 22.39 -11.14
CA MET B 372 40.05 22.96 -10.31
C MET B 372 41.44 22.46 -10.71
N ALA B 373 42.46 23.24 -10.35
CA ALA B 373 43.87 22.87 -10.53
C ALA B 373 44.71 23.92 -9.77
N PRO B 374 45.93 23.53 -9.34
CA PRO B 374 46.78 24.55 -8.70
C PRO B 374 47.36 25.54 -9.74
N VAL B 375 47.78 25.02 -10.90
CA VAL B 375 48.15 25.89 -12.01
C VAL B 375 47.21 25.64 -13.19
N CYS B 376 46.48 26.67 -13.57
CA CYS B 376 45.58 26.59 -14.70
C CYS B 376 46.42 26.61 -15.99
N ILE B 377 45.97 25.85 -16.98
CA ILE B 377 46.67 25.74 -18.24
C ILE B 377 45.95 26.62 -19.26
N TYR B 378 46.73 27.47 -19.94
CA TYR B 378 46.20 28.33 -20.99
C TYR B 378 46.82 28.05 -22.36
N ASP B 379 48.13 27.84 -22.42
CA ASP B 379 48.84 27.56 -23.68
C ASP B 379 49.42 26.14 -23.65
N SER B 380 49.58 25.56 -24.84
N SER B 380 49.57 25.53 -24.83
CA SER B 380 50.30 24.31 -25.01
CA SER B 380 50.29 24.26 -24.90
C SER B 380 51.77 24.52 -24.66
C SER B 380 51.74 24.54 -24.56
N ASP B 381 52.41 23.52 -24.05
CA ASP B 381 53.85 23.56 -23.82
C ASP B 381 54.51 22.75 -24.92
N PRO B 382 55.42 23.38 -25.66
CA PRO B 382 56.00 22.65 -26.78
C PRO B 382 56.71 21.32 -26.37
N LEU B 383 57.23 21.21 -25.15
CA LEU B 383 58.05 20.07 -24.75
C LEU B 383 57.44 19.14 -23.67
N VAL B 384 56.29 19.51 -23.10
CA VAL B 384 55.66 18.79 -22.00
C VAL B 384 54.21 18.39 -22.39
N PRO B 385 53.86 17.11 -22.21
CA PRO B 385 52.53 16.60 -22.54
C PRO B 385 51.49 16.93 -21.46
N ARG B 386 50.21 16.76 -21.80
CA ARG B 386 49.06 16.94 -20.92
C ARG B 386 48.33 15.61 -20.79
C1 NAG C . -17.95 -13.70 12.50
C2 NAG C . -18.17 -14.98 11.71
C3 NAG C . -19.62 -15.15 11.32
C4 NAG C . -20.51 -15.05 12.55
C5 NAG C . -20.27 -13.69 13.22
C6 NAG C . -21.07 -13.54 14.49
C7 NAG C . -16.64 -15.95 10.06
C8 NAG C . -15.98 -15.75 8.72
N2 NAG C . -17.43 -14.97 10.47
O3 NAG C . -19.78 -16.40 10.67
O4 NAG C . -21.85 -15.14 12.15
O5 NAG C . -18.90 -13.55 13.54
O6 NAG C . -20.68 -14.56 15.40
O7 NAG C . -16.42 -16.95 10.73
C1 NAG C . -22.59 -16.12 12.93
C2 NAG C . -24.02 -16.20 12.43
C3 NAG C . -24.81 -17.32 13.10
C4 NAG C . -24.03 -18.61 13.27
C5 NAG C . -22.58 -18.32 13.74
C6 NAG C . -21.71 -19.57 13.77
C7 NAG C . -25.08 -14.13 11.74
C8 NAG C . -25.87 -12.94 12.18
N2 NAG C . -24.75 -14.98 12.67
O3 NAG C . -25.98 -17.56 12.34
O4 NAG C . -24.69 -19.40 14.25
O5 NAG C . -22.01 -17.41 12.83
O6 NAG C . -21.56 -20.05 12.45
O7 NAG C . -24.76 -14.27 10.56
C1 BMA C . -25.23 -20.64 13.72
C2 BMA C . -24.89 -21.79 14.67
C3 BMA C . -25.38 -23.12 14.09
C4 BMA C . -26.80 -23.04 13.52
C5 BMA C . -27.14 -21.72 12.81
C6 BMA C . -28.65 -21.55 12.59
O2 BMA C . -25.45 -21.54 15.97
O3 BMA C . -25.33 -24.14 15.10
O4 BMA C . -26.94 -24.11 12.57
O5 BMA C . -26.65 -20.59 13.55
O6 BMA C . -29.36 -21.61 13.84
C1 NAG D . 13.15 28.76 1.08
C2 NAG D . 13.14 30.27 1.17
C3 NAG D . 12.16 30.91 0.19
C4 NAG D . 12.39 30.38 -1.21
C5 NAG D . 12.24 28.87 -1.18
C6 NAG D . 12.48 28.27 -2.56
C7 NAG D . 13.57 31.29 3.34
C8 NAG D . 12.97 31.71 4.65
N2 NAG D . 12.74 30.72 2.49
O3 NAG D . 12.29 32.30 0.26
O4 NAG D . 11.38 30.91 -2.06
O5 NAG D . 13.16 28.30 -0.26
O6 NAG D . 13.84 28.44 -2.89
O7 NAG D . 14.76 31.46 3.10
C1 NAG D . 11.95 31.74 -3.11
C2 NAG D . 10.94 31.96 -4.21
C3 NAG D . 11.47 32.90 -5.29
C4 NAG D . 12.24 34.10 -4.74
C5 NAG D . 13.10 33.77 -3.52
C6 NAG D . 13.55 35.01 -2.76
C7 NAG D . 9.47 30.05 -4.61
C8 NAG D . 9.28 28.74 -5.33
N2 NAG D . 10.61 30.69 -4.84
O3 NAG D . 10.37 33.36 -6.05
O4 NAG D . 13.05 34.59 -5.79
O5 NAG D . 12.36 32.99 -2.60
O6 NAG D . 13.86 36.07 -3.64
O7 NAG D . 8.60 30.47 -3.85
C1 NAG E . 30.20 24.03 -0.84
C2 NAG E . 31.62 24.47 -1.25
C3 NAG E . 32.27 25.22 -0.09
C4 NAG E . 31.37 26.35 0.39
C5 NAG E . 29.94 25.86 0.62
C6 NAG E . 29.01 26.99 1.04
C7 NAG E . 32.64 22.93 -2.84
C8 NAG E . 33.56 21.75 -3.03
N2 NAG E . 32.48 23.35 -1.60
O3 NAG E . 33.52 25.67 -0.55
O4 NAG E . 31.83 26.74 1.66
O5 NAG E . 29.45 25.17 -0.51
O6 NAG E . 28.86 27.88 -0.04
O7 NAG E . 32.07 23.45 -3.79
C1 NAG E . 32.45 28.03 1.60
C2 NAG E . 32.62 28.55 3.02
C3 NAG E . 33.34 29.90 3.01
C4 NAG E . 34.60 29.83 2.14
C5 NAG E . 34.28 29.25 0.78
C6 NAG E . 35.53 29.14 -0.09
C7 NAG E . 30.94 27.86 4.68
C8 NAG E . 29.56 28.11 5.23
N2 NAG E . 31.32 28.65 3.67
O3 NAG E . 33.75 30.20 4.31
O4 NAG E . 35.17 31.13 2.02
O5 NAG E . 33.70 27.96 0.95
O6 NAG E . 36.52 28.43 0.63
O7 NAG E . 31.61 26.97 5.17
C1 BMA E . 36.54 31.16 2.49
C2 BMA E . 37.40 32.04 1.55
C3 BMA E . 38.80 32.30 2.11
C4 BMA E . 38.74 32.63 3.60
C5 BMA E . 38.00 31.49 4.31
C6 BMA E . 38.13 31.52 5.84
O2 BMA E . 36.74 33.29 1.28
O3 BMA E . 39.45 33.38 1.40
O4 BMA E . 40.07 32.78 4.09
O5 BMA E . 36.64 31.58 3.87
O6 BMA E . 36.91 31.92 6.48
C1 MAN E . 40.67 32.96 0.76
C2 MAN E . 41.67 34.12 0.76
C3 MAN E . 41.30 35.20 -0.24
C4 MAN E . 40.89 34.64 -1.60
C5 MAN E . 39.94 33.44 -1.47
C6 MAN E . 39.75 32.73 -2.80
O2 MAN E . 42.95 33.62 0.47
O3 MAN E . 42.40 36.07 -0.39
O4 MAN E . 40.29 35.65 -2.40
O5 MAN E . 40.46 32.48 -0.55
O6 MAN E . 39.12 33.58 -3.73
C1 NAG F . 10.02 -24.52 -8.43
C2 NAG F . 10.72 -25.82 -8.01
C3 NAG F . 10.74 -26.02 -6.50
C4 NAG F . 11.13 -24.75 -5.75
C5 NAG F . 10.38 -23.52 -6.29
C6 NAG F . 10.94 -22.23 -5.69
C7 NAG F . 10.78 -27.80 -9.49
C8 NAG F . 10.01 -28.96 -10.07
N2 NAG F . 10.11 -26.98 -8.66
O3 NAG F . 11.65 -27.06 -6.19
O4 NAG F . 10.79 -24.92 -4.38
O5 NAG F . 10.48 -23.41 -7.69
O6 NAG F . 12.25 -22.00 -6.16
O7 NAG F . 11.96 -27.67 -9.79
C1 NAG F . 11.90 -24.78 -3.49
C2 NAG F . 11.35 -24.52 -2.07
C3 NAG F . 12.43 -24.62 -0.99
C4 NAG F . 13.32 -25.85 -1.18
C5 NAG F . 13.84 -25.89 -2.62
C6 NAG F . 14.71 -27.11 -2.89
C7 NAG F . 9.42 -23.00 -2.05
C8 NAG F . 8.97 -21.56 -2.00
N2 NAG F . 10.74 -23.20 -2.02
O3 NAG F . 11.83 -24.68 0.29
O4 NAG F . 14.40 -25.81 -0.26
O5 NAG F . 12.74 -25.92 -3.52
O6 NAG F . 15.78 -26.77 -3.75
O7 NAG F . 8.58 -23.89 -2.12
C1 NAG G . 3.90 -26.33 -7.86
C2 NAG G . 5.27 -26.85 -7.45
C3 NAG G . 6.20 -27.09 -8.64
C4 NAG G . 5.47 -27.78 -9.80
C5 NAG G . 4.17 -27.06 -10.08
C6 NAG G . 3.38 -27.64 -11.26
C7 NAG G . 6.34 -26.26 -5.31
C8 NAG G . 6.98 -25.18 -4.50
N2 NAG G . 5.91 -25.91 -6.54
O3 NAG G . 7.33 -27.82 -8.22
O4 NAG G . 6.32 -27.77 -10.94
O5 NAG G . 3.35 -27.09 -8.92
O6 NAG G . 2.79 -28.87 -10.88
O7 NAG G . 6.20 -27.39 -4.84
C1 NAG G . 6.47 -29.07 -11.58
C2 NAG G . 7.25 -28.89 -12.89
C3 NAG G . 7.65 -30.22 -13.56
C4 NAG G . 8.00 -31.35 -12.58
C5 NAG G . 7.15 -31.32 -11.30
C6 NAG G . 7.71 -32.28 -10.26
C7 NAG G . 6.78 -26.96 -14.35
C8 NAG G . 5.82 -26.38 -15.34
N2 NAG G . 6.44 -28.15 -13.85
O3 NAG G . 8.78 -30.00 -14.38
O4 NAG G . 7.83 -32.59 -13.25
O5 NAG G . 7.14 -30.00 -10.76
O6 NAG G . 6.94 -32.21 -9.09
O7 NAG G . 7.80 -26.35 -14.02
C1 NAG H . -23.06 -10.42 -0.70
C2 NAG H . -23.95 -9.75 0.32
C3 NAG H . -24.65 -10.79 1.19
C4 NAG H . -25.33 -11.88 0.38
C5 NAG H . -24.32 -12.48 -0.60
C6 NAG H . -24.99 -13.50 -1.54
C7 NAG H . -23.48 -7.72 1.60
C8 NAG H . -22.62 -7.08 2.65
N2 NAG H . -23.18 -8.97 1.28
O3 NAG H . -25.57 -10.17 2.05
O4 NAG H . -25.82 -12.86 1.27
O5 NAG H . -23.75 -11.46 -1.39
O6 NAG H . -26.07 -12.90 -2.23
O7 NAG H . -24.40 -7.12 1.07
C1 NAG H . -27.21 -13.16 1.01
C2 NAG H . -27.75 -14.31 1.88
C3 NAG H . -29.22 -14.59 1.58
C4 NAG H . -30.06 -13.32 1.50
C5 NAG H . -29.33 -12.23 0.70
C6 NAG H . -30.06 -10.89 0.73
C7 NAG H . -26.21 -16.06 2.58
C8 NAG H . -25.58 -17.37 2.20
N2 NAG H . -27.04 -15.55 1.68
O3 NAG H . -29.72 -15.47 2.58
O4 NAG H . -31.28 -13.64 0.86
O5 NAG H . -28.04 -12.05 1.27
O6 NAG H . -29.98 -10.37 2.05
O7 NAG H . -25.92 -15.50 3.63
C1 BMA H . -32.44 -13.16 1.59
C2 BMA H . -33.55 -12.87 0.59
C3 BMA H . -34.86 -12.45 1.28
C4 BMA H . -35.20 -13.35 2.47
C5 BMA H . -33.99 -13.55 3.37
C6 BMA H . -34.28 -14.48 4.55
O2 BMA H . -33.77 -14.02 -0.23
O3 BMA H . -35.95 -12.44 0.34
O4 BMA H . -36.27 -12.76 3.23
O5 BMA H . -32.91 -14.07 2.59
O6 BMA H . -34.67 -15.77 4.05
C1 NAG I . 29.71 -4.47 -10.12
C2 NAG I . 30.90 -5.25 -10.67
C3 NAG I . 31.23 -6.42 -9.76
C4 NAG I . 31.40 -5.94 -8.31
C5 NAG I . 30.13 -5.20 -7.89
C6 NAG I . 30.21 -4.58 -6.50
C7 NAG I . 30.89 -5.07 -13.11
C8 NAG I . 30.47 -5.71 -14.40
N2 NAG I . 30.57 -5.74 -11.99
O3 NAG I . 32.40 -7.03 -10.24
O4 NAG I . 31.57 -7.01 -7.40
O5 NAG I . 29.96 -4.13 -8.77
O6 NAG I . 31.51 -4.74 -5.97
O7 NAG I . 31.50 -4.00 -13.12
C1 NAG I . 32.91 -7.54 -7.42
C2 NAG I . 33.33 -7.98 -6.01
C3 NAG I . 34.69 -8.69 -6.03
C4 NAG I . 34.75 -9.74 -7.15
C5 NAG I . 34.34 -9.06 -8.45
C6 NAG I . 34.45 -9.97 -9.68
C7 NAG I . 32.69 -6.79 -3.96
C8 NAG I . 32.85 -5.53 -3.14
N2 NAG I . 33.38 -6.84 -5.11
O3 NAG I . 34.95 -9.29 -4.78
O4 NAG I . 36.06 -10.25 -7.25
O5 NAG I . 33.00 -8.63 -8.31
O6 NAG I . 35.39 -9.43 -10.59
O7 NAG I . 31.96 -7.68 -3.55
C1 NAG J . 33.85 13.25 -11.82
C2 NAG J . 35.02 14.23 -11.94
C3 NAG J . 35.64 14.19 -13.34
C4 NAG J . 35.98 12.76 -13.72
C5 NAG J . 34.79 11.83 -13.45
C6 NAG J . 35.14 10.38 -13.72
C7 NAG J . 34.85 16.15 -10.46
C8 NAG J . 34.33 17.55 -10.32
N2 NAG J . 34.59 15.57 -11.62
O3 NAG J . 36.81 14.96 -13.28
O4 NAG J . 36.18 12.75 -15.12
O5 NAG J . 34.37 11.96 -12.10
O6 NAG J . 36.14 10.05 -12.79
O7 NAG J . 35.47 15.61 -9.54
C1 NAG J . 37.52 12.37 -15.44
C2 NAG J . 37.53 12.03 -16.90
C3 NAG J . 38.94 11.65 -17.37
C4 NAG J . 39.99 12.66 -16.89
C5 NAG J . 39.79 12.92 -15.40
C6 NAG J . 40.78 13.93 -14.83
C7 NAG J . 35.39 11.19 -17.72
C8 NAG J . 34.56 9.98 -17.99
N2 NAG J . 36.60 10.95 -17.21
O3 NAG J . 38.91 11.56 -18.77
O4 NAG J . 41.28 12.13 -17.11
O5 NAG J . 38.47 13.41 -15.21
O6 NAG J . 40.57 15.15 -15.47
O7 NAG J . 34.96 12.33 -17.96
C1 BMA J . 42.09 13.06 -17.85
C2 BMA J . 43.54 12.67 -17.66
C3 BMA J . 44.47 13.53 -18.52
C4 BMA J . 44.01 13.59 -19.98
C5 BMA J . 42.52 13.93 -20.06
C6 BMA J . 41.99 13.80 -21.48
O2 BMA J . 43.74 11.29 -18.04
O3 BMA J . 45.79 12.99 -18.42
O4 BMA J . 44.77 14.61 -20.67
O5 BMA J . 41.73 13.08 -19.25
O6 BMA J . 40.74 14.46 -21.52
C1 MAN J . 39.97 14.17 -22.71
C2 MAN J . 38.63 14.85 -22.54
C3 MAN J . 37.83 14.16 -21.43
C4 MAN J . 37.77 12.65 -21.65
C5 MAN J . 39.18 12.07 -21.92
C6 MAN J . 39.18 10.58 -22.29
O2 MAN J . 37.92 14.81 -23.77
O3 MAN J . 36.51 14.70 -21.44
O4 MAN J . 37.18 12.01 -20.52
O5 MAN J . 39.77 12.80 -22.99
O6 MAN J . 38.11 10.32 -23.18
C1 MAN J . 36.24 15.51 -20.26
C2 MAN J . 34.75 15.86 -20.19
C3 MAN J . 34.34 16.89 -21.25
C4 MAN J . 35.26 18.10 -21.22
C5 MAN J . 36.71 17.61 -21.27
C6 MAN J . 37.72 18.76 -21.27
O2 MAN J . 34.52 16.44 -18.94
O3 MAN J . 33.03 17.34 -21.01
O4 MAN J . 34.97 18.90 -22.34
O5 MAN J . 36.98 16.71 -20.19
O6 MAN J . 37.66 19.44 -20.05
C1 MAN J . 37.91 8.92 -23.50
C2 MAN J . 36.96 8.82 -24.68
C3 MAN J . 35.59 9.35 -24.30
C4 MAN J . 35.06 8.66 -23.05
C5 MAN J . 36.10 8.57 -21.95
C6 MAN J . 35.59 7.60 -20.88
O2 MAN J . 36.83 7.49 -25.06
O3 MAN J . 34.66 9.14 -25.33
O4 MAN J . 34.02 9.46 -22.55
O5 MAN J . 37.38 8.16 -22.43
O6 MAN J . 36.65 6.90 -20.27
C1 MAN J . 46.61 13.80 -17.57
C2 MAN J . 48.07 13.38 -17.81
C3 MAN J . 48.31 11.98 -17.31
C4 MAN J . 47.88 11.84 -15.84
C5 MAN J . 46.45 12.33 -15.68
C6 MAN J . 45.97 12.27 -14.22
O2 MAN J . 48.89 14.30 -17.14
O3 MAN J . 49.65 11.60 -17.50
O4 MAN J . 47.92 10.47 -15.51
O5 MAN J . 46.30 13.65 -16.19
O6 MAN J . 44.75 13.00 -14.10
K K K . -20.54 -5.32 15.94
C1 NAG L . -13.07 23.01 10.90
C2 NAG L . -13.94 24.22 10.60
C3 NAG L . -14.61 24.07 9.24
C4 NAG L . -13.59 23.66 8.16
C5 NAG L . -12.81 22.43 8.63
C6 NAG L . -11.78 21.90 7.63
C7 NAG L . -15.25 25.51 12.27
C8 NAG L . -16.33 25.44 13.32
N2 NAG L . -14.96 24.36 11.63
O3 NAG L . -15.23 25.29 8.87
O4 NAG L . -14.27 23.44 6.93
O5 NAG L . -12.15 22.78 9.84
O6 NAG L . -10.68 22.78 7.50
O7 NAG L . -14.67 26.59 12.07
C1 NAG M . -17.55 18.32 12.97
C2 NAG M . -17.38 19.63 12.16
C3 NAG M . -16.72 20.73 12.98
C4 NAG M . -17.48 20.91 14.30
C5 NAG M . -17.57 19.56 15.02
C6 NAG M . -18.36 19.67 16.32
C7 NAG M . -16.82 20.20 9.85
C8 NAG M . -16.02 19.91 8.60
N2 NAG M . -16.65 19.41 10.92
O3 NAG M . -16.71 21.97 12.27
O4 NAG M . -16.82 21.87 15.09
O5 NAG M . -18.20 18.58 14.20
O6 NAG M . -19.75 19.72 16.00
O7 NAG M . -17.61 21.15 9.83
C1 NAG N . -29.87 2.08 3.32
C2 NAG N . -31.34 2.41 3.59
C3 NAG N . -32.31 1.54 2.77
C4 NAG N . -31.86 1.46 1.31
C5 NAG N . -30.40 1.01 1.29
C6 NAG N . -29.85 0.79 -0.13
C7 NAG N . -31.93 3.48 5.72
C8 NAG N . -32.20 3.33 7.19
N2 NAG N . -31.62 2.37 5.02
O3 NAG N . -33.59 2.13 2.79
O4 NAG N . -32.70 0.55 0.60
O5 NAG N . -29.63 2.02 1.92
O6 NAG N . -29.90 2.03 -0.80
O7 NAG N . -31.99 4.61 5.23
K K O . -18.31 -17.64 -4.66
C1 GOL P . 11.31 -0.31 4.37
O1 GOL P . 12.63 0.04 4.02
C2 GOL P . 10.91 -1.69 3.85
O2 GOL P . 11.07 -1.83 2.45
C3 GOL P . 9.45 -1.95 4.19
O3 GOL P . 8.64 -1.47 3.15
C1 GOL Q . -22.46 -22.96 -15.28
O1 GOL Q . -23.19 -22.56 -14.14
C2 GOL Q . -21.26 -23.83 -14.89
O2 GOL Q . -21.26 -24.99 -15.69
C3 GOL Q . -21.28 -24.24 -13.43
O3 GOL Q . -20.20 -25.10 -13.18
C1 NAG R . -11.68 -26.31 8.71
C2 NAG R . -12.27 -27.71 8.91
C3 NAG R . -13.27 -27.68 10.06
C4 NAG R . -12.68 -27.05 11.32
C5 NAG R . -12.00 -25.72 10.99
C6 NAG R . -11.27 -25.13 12.20
C7 NAG R . -12.62 -29.20 6.98
C8 NAG R . -13.52 -29.52 5.83
N2 NAG R . -13.00 -28.18 7.75
O3 NAG R . -13.75 -28.98 10.32
O4 NAG R . -13.74 -26.87 12.23
O5 NAG R . -11.08 -25.87 9.93
O6 NAG R . -9.90 -25.48 12.16
O7 NAG R . -11.60 -29.87 7.16
C1 NAG S . -2.26 4.29 -21.04
C2 NAG S . -1.86 5.61 -20.36
C3 NAG S . -2.99 6.64 -20.34
C4 NAG S . -3.58 6.81 -21.73
C5 NAG S . -4.03 5.44 -22.26
C6 NAG S . -4.54 5.58 -23.71
C7 NAG S . -0.04 5.29 -18.73
C8 NAG S . 0.35 5.07 -17.30
N2 NAG S . -1.35 5.39 -19.01
O3 NAG S . -2.52 7.88 -19.86
O4 NAG S . -4.66 7.72 -21.70
O5 NAG S . -2.98 4.49 -22.25
O6 NAG S . -4.77 4.30 -24.26
O7 NAG S . 0.83 5.37 -19.60
C1 NAG T . 6.49 3.27 -25.14
C2 NAG T . 5.01 3.61 -24.93
C3 NAG T . 4.21 3.28 -26.19
C4 NAG T . 4.82 4.01 -27.38
C5 NAG T . 6.27 3.51 -27.50
C6 NAG T . 6.98 4.11 -28.70
C7 NAG T . 3.98 3.45 -22.70
C8 NAG T . 3.45 2.51 -21.66
N2 NAG T . 4.47 2.86 -23.80
O3 NAG T . 2.84 3.65 -26.05
O4 NAG T . 4.07 3.78 -28.57
O5 NAG T . 6.98 3.86 -26.32
O6 NAG T . 7.04 5.51 -28.54
O7 NAG T . 3.95 4.67 -22.53
#